data_9EBH
#
_entry.id   9EBH
#
_cell.length_a   1.00
_cell.length_b   1.00
_cell.length_c   1.00
_cell.angle_alpha   90.00
_cell.angle_beta   90.00
_cell.angle_gamma   90.00
#
_symmetry.space_group_name_H-M   'P 1'
#
loop_
_entity.id
_entity.type
_entity.pdbx_description
1 polymer 'Guanine nucleotide-binding protein G(i) subunit alpha-1'
2 polymer 'Guanine nucleotide-binding protein G(I)/G(S)/G(T) subunit beta-1'
3 polymer 'Antibody fragment scFv16|Mus musculus (10090)'
4 polymer 'Guanine nucleotide-binding protein G(I)/G(S)/G(O) subunit gamma-2'
5 polymer 'Adenosine receptor A3'
6 non-polymer ADENOSINE
#
loop_
_entity_poly.entity_id
_entity_poly.type
_entity_poly.pdbx_seq_one_letter_code
_entity_poly.pdbx_strand_id
1 'polypeptide(L)'
;MGCTLSAEDKAAVERSKMIDRNLREDGEKAAREVKLLLLGAGESGKNTIVKQMKIIHEAGYSEEECKQYKAVVYSNTIQS
IIAIIRAMGRLKIDFGDSARADDARQLFVLAGAAEEGFMTAELAGVIKRLWKDSGVQACFNRSREYQLNDSAAYYLNDLD
RIAQPNYIPTQQDVLRTRVKTTGIVETHFTFKDLHFKMFDVGAQRSERKKWIHCFEGVTAIIFCVALSDYDLVLAEDEEM
NRMHASMKLFDSICNNKWFTDTSIILFLNKKDLFEEKIKKSPLTICYPEYAGSNTYEEAAAYIQCQFEDLNKRKDTKEIY
THFTCSTDTKNVQFVFDAVTDVIIKNNLKDCGLF
;
A
2 'polypeptide(L)'
;HHHHHHGSSGSELDQLRQEAEQLKNQIRDARKACADATLSQITNNIDPVGRIQMRTRRTLRGHLAKIYAMHWGTDSRLLV
SASQDGKLIIWDSYTTNKVHAIPLRSSWVMTCAYAPSGNYVACGGLDNICSIYNLKTREGNVRVSRELAGHTGYLSCCRF
LDDNQIVTSSGDTTCALWDIETGQQTTTFTGHTGDVMSLSLAPDTRLFVSGACDASAKLWDVREGMCRQTFTGHESDINA
ICFFPNGNAFATGSDDATCRLFDLRADQELMTYSHDNIICGITSVSFSKSGRLLLAGYDDFNCNVWDALKADRAGVLAGH
DNRVSCLGVTDDGMAVATGSWDSFLKIWN
;
B
3 'polypeptide(L)'
;DVQLVESGGGLVQPGGSRKLSCSASGFAFSSFGMHWVRQAPEKGLEWVAYISSGSGTIYYADTVKGRFTISRDDPKNTLF
LQMTSLRSEDTAMYYCVRSIYYYGSSPFDFWGQGTTLTVSSGGGGSGGGGSGGGGSDIVMTQATSSVPVTPGESVSISCR
SSKSLLHSNGNTYLYWFLQRPGQSPQLLIYRMSNLASGVPDRFSGSGSGTAFTLTISRLEAEDVGVYYCMQHLEYPLTFG
AGTKLELK
;
E
4 'polypeptide(L)' ASNNTASIAQARKLVEQLKMEANIDRIKVSKAAADLMAYCEAHAKEDPLLTPVPASENPFREKKFFCAIL G
5 'polypeptide(L)'
;DYKDDDDAANFTPVNGSSGNQSVRLVTSSSLEVLFQGPPNNSTALSLANVTYITMEIFIGLCAIVGNVLVICVVKLNPSL
QTTTFYFIVSLALADIAVGVLVMPLAIVVSLGITIHFYSCLFMTCLLLIFTHASIMSLLAIAVDRYLRVKLTVRYKRVTT
HRRIWLALGLCWLVSFLVGLTPMFGWNMKLTSEYHRNVTFLSCQFVSVMRMDYMVYFSFLTWIFIPLVVMCAIYLDIFYI
IRNKLSLNLSNSKETGAFYGREFKTAKSLFLVLFLFALSWLPLSIINCIIYFNGEVPQLVLYMGILLSHANSMMNPIVYA
YKIKKFKETYLLILKACVVCHPSDSLDTSIEKNSEHHHHHHHH
;
R
#
# COMPACT_ATOMS: atom_id res chain seq x y z
N THR A 4 6.65 18.50 -18.68
CA THR A 4 7.49 18.03 -17.58
C THR A 4 6.92 18.46 -16.24
N LEU A 5 7.81 18.73 -15.27
CA LEU A 5 7.42 19.10 -13.93
C LEU A 5 8.09 20.40 -13.53
N SER A 6 7.53 21.06 -12.52
CA SER A 6 8.13 22.26 -11.98
C SER A 6 9.23 21.89 -10.99
N ALA A 7 9.85 22.92 -10.40
CA ALA A 7 10.91 22.68 -9.42
C ALA A 7 10.38 22.09 -8.12
N GLU A 8 9.12 22.35 -7.77
CA GLU A 8 8.54 21.77 -6.57
C GLU A 8 7.87 20.43 -6.81
N ASP A 9 7.41 20.15 -8.03
CA ASP A 9 6.84 18.84 -8.31
C ASP A 9 7.91 17.76 -8.40
N LYS A 10 9.13 18.13 -8.79
CA LYS A 10 10.22 17.16 -8.79
C LYS A 10 10.60 16.75 -7.37
N ALA A 11 10.57 17.70 -6.44
CA ALA A 11 10.83 17.38 -5.03
C ALA A 11 9.65 16.68 -4.37
N ALA A 12 8.43 16.84 -4.90
CA ALA A 12 7.29 16.11 -4.36
C ALA A 12 7.32 14.65 -4.77
N VAL A 13 7.75 14.36 -5.99
CA VAL A 13 7.91 12.98 -6.43
C VAL A 13 9.08 12.32 -5.69
N GLU A 14 10.14 13.09 -5.45
CA GLU A 14 11.30 12.59 -4.71
C GLU A 14 10.93 12.29 -3.25
N ARG A 15 10.03 13.11 -2.68
CA ARG A 15 9.51 12.81 -1.34
C ARG A 15 8.68 11.53 -1.34
N SER A 16 7.90 11.30 -2.40
CA SER A 16 7.12 10.07 -2.51
C SER A 16 8.01 8.85 -2.69
N LYS A 17 9.16 9.00 -3.36
CA LYS A 17 10.09 7.89 -3.50
C LYS A 17 10.78 7.56 -2.17
N MET A 18 11.01 8.58 -1.33
CA MET A 18 11.64 8.33 -0.03
C MET A 18 10.68 7.63 0.92
N ILE A 19 9.38 7.84 0.75
CA ILE A 19 8.39 7.11 1.54
C ILE A 19 8.34 5.64 1.12
N ASP A 20 8.47 5.38 -0.19
CA ASP A 20 8.38 4.02 -0.72
C ASP A 20 9.51 3.12 -0.25
N ARG A 21 10.70 3.68 0.00
CA ARG A 21 11.79 2.88 0.55
C ARG A 21 11.61 2.61 2.03
N ASN A 22 10.73 3.37 2.71
CA ASN A 22 10.40 3.09 4.10
C ASN A 22 9.21 2.15 4.24
N LEU A 23 8.34 2.08 3.22
CA LEU A 23 7.23 1.13 3.26
C LEU A 23 7.71 -0.30 3.03
N ARG A 24 8.62 -0.48 2.07
CA ARG A 24 9.17 -1.81 1.82
C ARG A 24 10.13 -2.24 2.92
N GLU A 25 10.78 -1.28 3.59
CA GLU A 25 11.61 -1.61 4.74
C GLU A 25 10.75 -2.13 5.89
N ASP A 26 9.59 -1.50 6.13
CA ASP A 26 8.68 -1.98 7.16
C ASP A 26 7.89 -3.21 6.73
N GLY A 27 7.73 -3.41 5.41
CA GLY A 27 7.00 -4.58 4.94
C GLY A 27 7.74 -5.88 5.18
N GLU A 28 9.06 -5.89 4.94
CA GLU A 28 9.86 -7.06 5.25
C GLU A 28 10.09 -7.23 6.74
N LYS A 29 10.03 -6.14 7.51
CA LYS A 29 10.11 -6.22 8.97
C LYS A 29 8.88 -6.92 9.54
N ALA A 30 7.69 -6.59 9.01
CA ALA A 30 6.46 -7.20 9.51
C ALA A 30 6.32 -8.64 9.01
N ALA A 31 6.73 -8.91 7.78
CA ALA A 31 6.62 -10.26 7.23
C ALA A 31 7.64 -11.22 7.81
N ARG A 32 8.70 -10.71 8.43
CA ARG A 32 9.67 -11.58 9.07
C ARG A 32 9.12 -12.18 10.35
N GLU A 33 8.35 -11.40 11.10
CA GLU A 33 7.75 -11.89 12.34
C GLU A 33 6.56 -12.78 12.03
N VAL A 34 6.17 -13.58 13.01
CA VAL A 34 5.14 -14.59 12.85
C VAL A 34 3.94 -14.23 13.72
N LYS A 35 2.75 -14.41 13.17
CA LYS A 35 1.49 -14.04 13.82
C LYS A 35 0.69 -15.29 14.16
N LEU A 36 0.26 -15.39 15.42
CA LEU A 36 -0.51 -16.53 15.90
C LEU A 36 -1.79 -16.03 16.54
N LEU A 37 -2.93 -16.31 15.92
CA LEU A 37 -4.22 -15.96 16.50
C LEU A 37 -4.53 -16.88 17.68
N LEU A 38 -4.98 -16.29 18.78
CA LEU A 38 -5.26 -17.03 20.01
C LEU A 38 -6.77 -17.05 20.24
N LEU A 39 -7.40 -18.17 19.93
CA LEU A 39 -8.83 -18.37 20.12
C LEU A 39 -9.06 -19.36 21.26
N GLY A 40 -10.33 -19.69 21.48
CA GLY A 40 -10.69 -20.64 22.52
C GLY A 40 -10.85 -20.01 23.89
N ALA A 41 -11.90 -20.39 24.61
CA ALA A 41 -12.14 -19.86 25.95
C ALA A 41 -11.27 -20.57 26.97
N LYS A 46 -7.00 -20.40 27.99
CA LYS A 46 -6.66 -19.16 27.29
C LYS A 46 -5.74 -18.30 28.13
N ASN A 47 -6.22 -17.91 29.32
CA ASN A 47 -5.42 -17.07 30.19
C ASN A 47 -4.30 -17.84 30.89
N THR A 48 -4.42 -19.16 30.97
CA THR A 48 -3.41 -19.96 31.65
C THR A 48 -2.14 -20.08 30.83
N ILE A 49 -2.27 -20.17 29.50
CA ILE A 49 -1.10 -20.40 28.65
C ILE A 49 -0.26 -19.13 28.46
N VAL A 50 -0.84 -17.94 28.62
CA VAL A 50 -0.11 -16.71 28.34
C VAL A 50 0.69 -16.20 29.53
N LYS A 51 0.29 -16.54 30.76
CA LYS A 51 1.02 -16.03 31.93
C LYS A 51 2.33 -16.77 32.16
N GLN A 52 2.43 -18.03 31.72
CA GLN A 52 3.62 -18.82 31.93
C GLN A 52 4.61 -18.74 30.78
N MET A 53 4.16 -18.43 29.57
CA MET A 53 5.08 -18.29 28.44
C MET A 53 5.86 -16.99 28.54
N LYS A 54 5.21 -15.91 28.94
CA LYS A 54 5.88 -14.62 29.09
C LYS A 54 6.72 -14.59 30.36
N THR A 182 -9.78 -3.06 27.65
CA THR A 182 -10.60 -3.84 26.72
C THR A 182 -9.98 -3.86 25.33
N GLY A 183 -10.60 -4.61 24.43
CA GLY A 183 -10.10 -4.72 23.07
C GLY A 183 -9.18 -5.91 22.88
N ILE A 184 -8.57 -5.93 21.69
CA ILE A 184 -7.63 -6.98 21.35
C ILE A 184 -6.32 -6.75 22.08
N VAL A 185 -5.81 -7.79 22.74
CA VAL A 185 -4.57 -7.73 23.49
C VAL A 185 -3.54 -8.59 22.77
N GLU A 186 -2.48 -7.96 22.27
CA GLU A 186 -1.41 -8.66 21.57
C GLU A 186 -0.15 -8.64 22.43
N THR A 187 0.49 -9.80 22.54
CA THR A 187 1.68 -9.99 23.36
C THR A 187 2.86 -10.27 22.44
N HIS A 188 3.90 -9.44 22.54
CA HIS A 188 5.09 -9.58 21.72
C HIS A 188 6.21 -10.20 22.53
N PHE A 189 6.77 -11.31 22.04
CA PHE A 189 7.90 -11.96 22.69
C PHE A 189 8.72 -12.69 21.64
N THR A 190 9.97 -12.99 21.99
CA THR A 190 10.89 -13.66 21.09
C THR A 190 11.38 -14.96 21.70
N PHE A 191 11.74 -15.90 20.84
CA PHE A 191 12.22 -17.22 21.27
C PHE A 191 13.01 -17.83 20.14
N LYS A 192 14.29 -18.13 20.41
CA LYS A 192 15.23 -18.74 19.45
C LYS A 192 15.36 -17.92 18.17
N ASP A 193 15.56 -16.61 18.35
CA ASP A 193 15.74 -15.62 17.27
C ASP A 193 14.56 -15.59 16.31
N LEU A 194 13.36 -15.79 16.86
CA LEU A 194 12.11 -15.66 16.10
C LEU A 194 11.13 -14.86 16.94
N HIS A 195 10.54 -13.83 16.35
CA HIS A 195 9.66 -12.92 17.08
C HIS A 195 8.21 -13.37 16.91
N PHE A 196 7.57 -13.70 18.02
CA PHE A 196 6.19 -14.17 18.04
C PHE A 196 5.27 -13.04 18.48
N LYS A 197 4.04 -13.08 17.99
CA LYS A 197 2.98 -12.21 18.49
C LYS A 197 1.67 -12.97 18.54
N MET A 198 0.97 -12.85 19.67
CA MET A 198 -0.23 -13.63 19.95
C MET A 198 -1.40 -12.68 20.18
N PHE A 199 -2.37 -12.68 19.28
CA PHE A 199 -3.54 -11.80 19.37
C PHE A 199 -4.60 -12.50 20.21
N ASP A 200 -4.78 -12.04 21.45
CA ASP A 200 -5.81 -12.57 22.32
C ASP A 200 -7.09 -11.78 22.10
N VAL A 201 -8.10 -12.42 21.52
CA VAL A 201 -9.36 -11.78 21.21
C VAL A 201 -10.47 -12.22 22.16
N GLY A 202 -10.10 -12.75 23.33
CA GLY A 202 -11.07 -13.18 24.32
C GLY A 202 -11.90 -12.07 24.92
N ALA A 203 -11.42 -10.82 24.85
CA ALA A 203 -12.17 -9.69 25.37
C ALA A 203 -13.23 -9.19 24.40
N GLN A 204 -13.21 -9.64 23.15
CA GLN A 204 -14.20 -9.22 22.16
C GLN A 204 -15.51 -9.95 22.43
N ARG A 205 -16.48 -9.23 23.00
CA ARG A 205 -17.79 -9.77 23.28
C ARG A 205 -18.76 -9.59 22.12
N SER A 206 -18.31 -9.02 21.01
CA SER A 206 -19.16 -8.80 19.85
C SER A 206 -19.27 -10.07 19.02
N GLU A 207 -19.90 -9.96 17.85
CA GLU A 207 -20.01 -11.09 16.94
C GLU A 207 -18.67 -11.39 16.30
N ARG A 208 -18.28 -12.68 16.32
CA ARG A 208 -16.98 -13.08 15.78
C ARG A 208 -16.93 -13.01 14.26
N LYS A 209 -18.08 -13.02 13.58
CA LYS A 209 -18.10 -13.09 12.13
C LYS A 209 -17.59 -11.80 11.48
N LYS A 210 -17.71 -10.68 12.17
CA LYS A 210 -17.35 -9.39 11.59
C LYS A 210 -15.87 -9.06 11.68
N TRP A 211 -15.07 -9.86 12.39
CA TRP A 211 -13.65 -9.56 12.49
C TRP A 211 -12.76 -10.79 12.38
N ILE A 212 -13.31 -11.96 12.07
CA ILE A 212 -12.48 -13.15 11.93
C ILE A 212 -11.77 -13.16 10.58
N HIS A 213 -12.26 -12.40 9.60
CA HIS A 213 -11.58 -12.28 8.31
C HIS A 213 -10.39 -11.34 8.35
N CYS A 214 -10.22 -10.58 9.43
CA CYS A 214 -9.04 -9.74 9.60
C CYS A 214 -7.80 -10.55 9.95
N PHE A 215 -7.97 -11.81 10.38
CA PHE A 215 -6.86 -12.65 10.81
C PHE A 215 -6.60 -13.80 9.84
N GLU A 216 -6.91 -13.62 8.56
CA GLU A 216 -6.66 -14.69 7.61
C GLU A 216 -5.19 -14.80 7.21
N GLY A 217 -4.40 -13.76 7.45
CA GLY A 217 -2.99 -13.81 7.14
C GLY A 217 -2.12 -14.18 8.33
N VAL A 218 -2.53 -15.21 9.07
CA VAL A 218 -1.77 -15.69 10.21
C VAL A 218 -1.16 -17.03 9.86
N THR A 219 -0.31 -17.53 10.76
CA THR A 219 0.39 -18.79 10.55
C THR A 219 -0.32 -19.97 11.20
N ALA A 220 -0.75 -19.82 12.46
CA ALA A 220 -1.43 -20.90 13.15
C ALA A 220 -2.36 -20.32 14.21
N ILE A 221 -3.56 -20.90 14.31
CA ILE A 221 -4.51 -20.56 15.37
C ILE A 221 -4.23 -21.45 16.56
N ILE A 222 -3.89 -20.83 17.70
CA ILE A 222 -3.71 -21.55 18.95
C ILE A 222 -5.06 -21.66 19.63
N PHE A 223 -5.56 -22.89 19.79
CA PHE A 223 -6.88 -23.15 20.33
C PHE A 223 -6.74 -23.91 21.65
N CYS A 224 -7.37 -23.40 22.70
CA CYS A 224 -7.25 -23.94 24.04
C CYS A 224 -8.54 -24.64 24.43
N VAL A 225 -8.43 -25.90 24.85
CA VAL A 225 -9.56 -26.68 25.34
C VAL A 225 -9.28 -27.07 26.78
N ALA A 226 -10.21 -26.75 27.67
CA ALA A 226 -10.14 -27.27 29.03
C ALA A 226 -10.69 -28.69 29.08
N LEU A 227 -10.09 -29.50 29.94
CA LEU A 227 -10.49 -30.89 30.09
C LEU A 227 -11.30 -31.19 31.34
N SER A 228 -11.30 -30.28 32.32
CA SER A 228 -12.02 -30.49 33.57
C SER A 228 -13.45 -29.98 33.55
N ASP A 229 -13.93 -29.48 32.42
CA ASP A 229 -15.27 -28.93 32.33
C ASP A 229 -16.28 -29.89 31.71
N TYR A 230 -15.91 -31.17 31.53
CA TYR A 230 -16.85 -32.12 30.92
C TYR A 230 -17.99 -32.46 31.86
N ASP A 231 -17.75 -32.48 33.17
CA ASP A 231 -18.83 -32.67 34.13
C ASP A 231 -19.58 -31.38 34.42
N LEU A 232 -18.97 -30.23 34.17
CA LEU A 232 -19.61 -28.96 34.44
C LEU A 232 -20.54 -28.57 33.29
N VAL A 233 -21.66 -27.93 33.63
CA VAL A 233 -22.63 -27.49 32.63
C VAL A 233 -22.84 -25.99 32.74
N MET A 240 -26.31 -25.89 29.09
CA MET A 240 -25.43 -26.34 28.02
C MET A 240 -24.15 -26.94 28.58
N ASN A 241 -23.70 -28.04 27.98
CA ASN A 241 -22.46 -28.69 28.40
C ASN A 241 -21.27 -27.81 28.01
N ARG A 242 -20.36 -27.61 28.97
CA ARG A 242 -19.20 -26.76 28.71
C ARG A 242 -18.18 -27.43 27.80
N MET A 243 -18.13 -28.76 27.82
CA MET A 243 -17.24 -29.48 26.90
C MET A 243 -17.77 -29.42 25.47
N HIS A 244 -19.09 -29.53 25.29
CA HIS A 244 -19.68 -29.52 23.97
C HIS A 244 -19.65 -28.15 23.33
N ALA A 245 -19.50 -27.08 24.12
CA ALA A 245 -19.39 -25.74 23.55
C ALA A 245 -18.06 -25.53 22.84
N SER A 246 -17.03 -26.29 23.24
CA SER A 246 -15.73 -26.17 22.57
C SER A 246 -15.76 -26.80 21.19
N MET A 247 -16.49 -27.91 21.03
CA MET A 247 -16.59 -28.55 19.72
C MET A 247 -17.44 -27.74 18.75
N LYS A 248 -18.43 -27.00 19.26
CA LYS A 248 -19.17 -26.08 18.41
C LYS A 248 -18.29 -24.92 17.94
N LEU A 249 -17.40 -24.45 18.81
CA LEU A 249 -16.43 -23.44 18.41
C LEU A 249 -15.39 -24.02 17.46
N PHE A 250 -15.00 -25.28 17.69
CA PHE A 250 -14.01 -25.93 16.83
C PHE A 250 -14.56 -26.22 15.44
N ASP A 251 -15.86 -26.50 15.34
CA ASP A 251 -16.47 -26.77 14.04
C ASP A 251 -16.52 -25.51 13.18
N SER A 252 -16.76 -24.35 13.80
CA SER A 252 -16.88 -23.12 13.03
C SER A 252 -15.53 -22.64 12.52
N ILE A 253 -14.47 -22.85 13.31
CA ILE A 253 -13.14 -22.35 12.95
C ILE A 253 -12.56 -23.13 11.78
N CYS A 254 -12.64 -24.46 11.84
CA CYS A 254 -12.03 -25.30 10.81
C CYS A 254 -12.78 -25.23 9.49
N ASN A 255 -14.08 -24.94 9.53
CA ASN A 255 -14.90 -24.86 8.32
C ASN A 255 -14.97 -23.45 7.75
N ASN A 256 -14.18 -22.52 8.27
CA ASN A 256 -14.14 -21.16 7.73
C ASN A 256 -13.51 -21.15 6.34
N LYS A 257 -13.95 -20.19 5.53
CA LYS A 257 -13.32 -19.96 4.23
C LYS A 257 -11.90 -19.43 4.39
N TRP A 258 -11.67 -18.58 5.38
CA TRP A 258 -10.42 -17.87 5.53
C TRP A 258 -9.34 -18.67 6.25
N PHE A 259 -9.68 -19.82 6.82
CA PHE A 259 -8.72 -20.63 7.56
C PHE A 259 -8.53 -22.01 6.92
N THR A 260 -8.73 -22.11 5.60
CA THR A 260 -8.54 -23.39 4.93
C THR A 260 -7.06 -23.77 4.84
N ASP A 261 -6.21 -22.84 4.40
CA ASP A 261 -4.80 -23.12 4.26
C ASP A 261 -4.03 -23.00 5.57
N THR A 262 -4.60 -22.34 6.57
CA THR A 262 -3.90 -22.04 7.82
C THR A 262 -4.02 -23.22 8.77
N SER A 263 -2.88 -23.67 9.30
CA SER A 263 -2.84 -24.76 10.26
C SER A 263 -3.43 -24.31 11.60
N ILE A 264 -3.82 -25.29 12.41
CA ILE A 264 -4.43 -25.04 13.70
C ILE A 264 -3.70 -25.87 14.75
N ILE A 265 -3.17 -25.20 15.78
CA ILE A 265 -2.53 -25.86 16.90
C ILE A 265 -3.55 -26.03 18.01
N LEU A 266 -3.67 -27.25 18.52
CA LEU A 266 -4.69 -27.60 19.51
C LEU A 266 -4.04 -27.86 20.85
N PHE A 267 -4.50 -27.14 21.88
CA PHE A 267 -4.01 -27.31 23.25
C PHE A 267 -5.12 -27.85 24.13
N LEU A 268 -4.84 -28.95 24.82
CA LEU A 268 -5.78 -29.54 25.77
C LEU A 268 -5.30 -29.17 27.17
N ASN A 269 -5.94 -28.16 27.76
CA ASN A 269 -5.48 -27.60 29.02
C ASN A 269 -6.09 -28.34 30.20
N LYS A 270 -5.47 -28.14 31.38
CA LYS A 270 -5.86 -28.75 32.66
C LYS A 270 -5.91 -30.28 32.57
N LYS A 271 -4.82 -30.86 32.08
CA LYS A 271 -4.72 -32.32 32.00
C LYS A 271 -4.54 -32.96 33.37
N ASP A 272 -4.05 -32.20 34.36
CA ASP A 272 -3.86 -32.78 35.69
C ASP A 272 -5.18 -32.91 36.44
N LEU A 273 -6.07 -31.91 36.30
CA LEU A 273 -7.36 -31.96 36.97
C LEU A 273 -8.31 -32.95 36.30
N PHE A 274 -8.08 -33.30 35.04
CA PHE A 274 -8.90 -34.29 34.36
C PHE A 274 -8.63 -35.70 34.91
N GLU A 275 -7.42 -35.94 35.40
CA GLU A 275 -7.07 -37.26 35.92
C GLU A 275 -7.83 -37.59 37.20
N GLU A 276 -8.05 -36.59 38.07
CA GLU A 276 -8.86 -36.83 39.25
C GLU A 276 -10.35 -36.90 38.94
N LYS A 277 -10.80 -36.16 37.92
CA LYS A 277 -12.22 -36.16 37.58
C LYS A 277 -12.65 -37.42 36.85
N ILE A 278 -11.75 -38.05 36.10
CA ILE A 278 -12.13 -39.25 35.36
C ILE A 278 -12.22 -40.47 36.29
N LYS A 279 -11.54 -40.43 37.45
CA LYS A 279 -11.64 -41.53 38.40
C LYS A 279 -12.95 -41.49 39.17
N LYS A 280 -13.46 -40.30 39.47
CA LYS A 280 -14.69 -40.16 40.23
C LYS A 280 -15.94 -40.17 39.34
N SER A 281 -15.82 -39.70 38.10
CA SER A 281 -16.94 -39.68 37.17
C SER A 281 -16.50 -40.20 35.82
N PRO A 282 -17.31 -41.03 35.16
CA PRO A 282 -16.95 -41.53 33.83
C PRO A 282 -17.14 -40.46 32.77
N LEU A 283 -16.49 -40.70 31.62
CA LEU A 283 -16.61 -39.80 30.48
C LEU A 283 -17.91 -40.03 29.69
N THR A 284 -18.67 -41.07 30.03
CA THR A 284 -19.86 -41.43 29.28
C THR A 284 -21.04 -40.49 29.52
N ILE A 285 -20.93 -39.56 30.48
CA ILE A 285 -21.98 -38.57 30.69
C ILE A 285 -22.07 -37.60 29.52
N CYS A 286 -20.96 -37.34 28.84
CA CYS A 286 -20.96 -36.51 27.65
C CYS A 286 -21.30 -37.32 26.39
N TYR A 287 -20.59 -38.42 26.18
CA TYR A 287 -20.79 -39.25 24.99
C TYR A 287 -21.47 -40.56 25.39
N PRO A 288 -22.73 -40.77 24.97
CA PRO A 288 -23.37 -42.07 25.25
C PRO A 288 -22.77 -43.23 24.49
N GLU A 289 -22.04 -42.98 23.39
CA GLU A 289 -21.35 -44.02 22.64
C GLU A 289 -19.91 -44.23 23.10
N TYR A 290 -19.60 -43.88 24.35
CA TYR A 290 -18.24 -44.04 24.87
C TYR A 290 -17.91 -45.52 25.07
N ALA A 291 -16.74 -45.93 24.62
CA ALA A 291 -16.26 -47.30 24.75
C ALA A 291 -14.82 -47.29 25.23
N GLY A 292 -14.38 -48.43 25.74
CA GLY A 292 -13.04 -48.59 26.26
C GLY A 292 -12.97 -48.41 27.76
N SER A 293 -11.75 -48.51 28.26
CA SER A 293 -11.51 -48.40 29.70
C SER A 293 -11.66 -46.95 30.16
N ASN A 294 -11.86 -46.79 31.47
CA ASN A 294 -12.03 -45.49 32.10
C ASN A 294 -10.73 -44.94 32.67
N THR A 295 -9.58 -45.47 32.24
CA THR A 295 -8.30 -44.98 32.71
C THR A 295 -7.97 -43.64 32.06
N TYR A 296 -6.93 -43.00 32.58
CA TYR A 296 -6.56 -41.65 32.15
C TYR A 296 -6.00 -41.64 30.74
N GLU A 297 -5.23 -42.67 30.37
CA GLU A 297 -4.61 -42.71 29.05
C GLU A 297 -5.65 -42.96 27.96
N GLU A 298 -6.62 -43.83 28.22
CA GLU A 298 -7.63 -44.13 27.21
C GLU A 298 -8.63 -42.99 27.07
N ALA A 299 -8.96 -42.31 28.18
CA ALA A 299 -9.94 -41.23 28.12
C ALA A 299 -9.38 -39.99 27.43
N ALA A 300 -8.11 -39.69 27.68
CA ALA A 300 -7.48 -38.52 27.04
C ALA A 300 -7.30 -38.74 25.54
N ALA A 301 -6.95 -39.97 25.15
CA ALA A 301 -6.83 -40.29 23.73
C ALA A 301 -8.17 -40.39 23.04
N TYR A 302 -9.25 -40.67 23.79
CA TYR A 302 -10.57 -40.73 23.18
C TYR A 302 -11.09 -39.35 22.83
N ILE A 303 -10.77 -38.33 23.63
CA ILE A 303 -11.21 -36.97 23.35
C ILE A 303 -10.50 -36.42 22.11
N GLN A 304 -9.23 -36.79 21.93
CA GLN A 304 -8.40 -36.26 20.85
C GLN A 304 -8.89 -36.68 19.46
N CYS A 305 -9.43 -37.90 19.33
CA CYS A 305 -9.73 -38.43 18.00
C CYS A 305 -10.96 -37.76 17.38
N GLN A 306 -11.92 -37.34 18.19
CA GLN A 306 -13.06 -36.60 17.64
C GLN A 306 -12.67 -35.19 17.23
N PHE A 307 -11.68 -34.58 17.91
CA PHE A 307 -11.23 -33.24 17.57
C PHE A 307 -10.57 -33.21 16.19
N GLU A 308 -9.80 -34.24 15.87
CA GLU A 308 -9.26 -34.37 14.52
C GLU A 308 -10.29 -34.91 13.53
N ASP A 309 -11.39 -35.49 14.02
CA ASP A 309 -12.44 -35.96 13.13
C ASP A 309 -13.27 -34.82 12.58
N LEU A 310 -13.35 -33.71 13.32
CA LEU A 310 -14.06 -32.53 12.83
C LEU A 310 -13.31 -31.78 11.74
N ASN A 311 -12.02 -32.08 11.55
CA ASN A 311 -11.23 -31.40 10.53
C ASN A 311 -11.67 -31.84 9.14
N LYS A 312 -11.89 -30.87 8.26
CA LYS A 312 -12.15 -31.12 6.86
C LYS A 312 -11.02 -30.54 6.02
N ARG A 313 -10.87 -31.10 4.80
CA ARG A 313 -9.76 -30.81 3.88
C ARG A 313 -8.41 -31.12 4.52
N LYS A 314 -8.30 -32.33 5.09
CA LYS A 314 -7.14 -32.80 5.84
C LYS A 314 -5.80 -32.70 5.09
N ASP A 315 -5.83 -32.66 3.75
CA ASP A 315 -4.61 -32.50 2.99
C ASP A 315 -4.03 -31.10 3.12
N THR A 316 -4.87 -30.09 3.32
CA THR A 316 -4.42 -28.71 3.38
C THR A 316 -3.76 -28.38 4.71
N LYS A 317 -4.50 -28.52 5.81
CA LYS A 317 -4.01 -28.18 7.13
C LYS A 317 -3.75 -29.45 7.93
N GLU A 318 -2.91 -29.30 8.96
CA GLU A 318 -2.63 -30.37 9.90
C GLU A 318 -2.86 -29.85 11.32
N ILE A 319 -3.64 -30.60 12.10
CA ILE A 319 -3.96 -30.21 13.47
C ILE A 319 -2.92 -30.81 14.40
N TYR A 320 -2.21 -29.95 15.12
CA TYR A 320 -1.19 -30.37 16.08
C TYR A 320 -1.80 -30.33 17.47
N THR A 321 -1.83 -31.48 18.14
CA THR A 321 -2.48 -31.62 19.44
C THR A 321 -1.43 -31.79 20.52
N HIS A 322 -1.54 -31.00 21.59
CA HIS A 322 -0.61 -31.05 22.71
C HIS A 322 -1.39 -31.02 24.01
N PHE A 323 -0.79 -31.61 25.04
CA PHE A 323 -1.32 -31.57 26.40
C PHE A 323 -0.48 -30.60 27.22
N THR A 324 -1.12 -29.60 27.81
CA THR A 324 -0.40 -28.53 28.47
C THR A 324 0.17 -29.00 29.80
N CYS A 325 1.38 -28.54 30.10
CA CYS A 325 2.03 -28.77 31.38
C CYS A 325 2.29 -27.42 32.04
N SER A 326 1.75 -27.24 33.25
CA SER A 326 1.87 -25.95 33.93
C SER A 326 3.26 -25.75 34.53
N THR A 327 3.86 -26.82 35.05
CA THR A 327 5.16 -26.70 35.70
C THR A 327 6.28 -26.50 34.68
N ASP A 328 6.26 -27.29 33.60
CA ASP A 328 7.33 -27.26 32.61
C ASP A 328 7.08 -26.18 31.58
N THR A 329 8.14 -25.80 30.88
CA THR A 329 8.09 -24.81 29.81
C THR A 329 8.08 -25.47 28.42
N LYS A 330 7.63 -26.73 28.33
CA LYS A 330 7.58 -27.43 27.06
C LYS A 330 6.44 -26.97 26.16
N ASN A 331 5.50 -26.18 26.68
CA ASN A 331 4.39 -25.69 25.86
C ASN A 331 4.88 -24.71 24.81
N VAL A 332 5.80 -23.80 25.18
CA VAL A 332 6.35 -22.87 24.21
C VAL A 332 7.35 -23.58 23.29
N GLN A 333 7.88 -24.73 23.70
CA GLN A 333 8.74 -25.51 22.81
C GLN A 333 7.93 -26.20 21.73
N PHE A 334 6.72 -26.64 22.05
CA PHE A 334 5.85 -27.26 21.06
C PHE A 334 5.36 -26.24 20.03
N VAL A 335 5.17 -24.98 20.45
CA VAL A 335 4.75 -23.94 19.52
C VAL A 335 5.84 -23.66 18.49
N PHE A 336 7.10 -23.61 18.94
CA PHE A 336 8.22 -23.34 18.04
C PHE A 336 8.46 -24.51 17.08
N ASP A 337 8.25 -25.74 17.54
CA ASP A 337 8.40 -26.90 16.68
C ASP A 337 7.27 -26.98 15.66
N ALA A 338 6.04 -26.61 16.07
CA ALA A 338 4.91 -26.68 15.15
C ALA A 338 4.97 -25.56 14.11
N VAL A 339 5.43 -24.37 14.50
CA VAL A 339 5.47 -23.26 13.57
C VAL A 339 6.62 -23.40 12.58
N THR A 340 7.65 -24.19 12.91
CA THR A 340 8.75 -24.43 12.00
C THR A 340 8.31 -25.24 10.78
N ASP A 341 7.42 -26.22 10.99
CA ASP A 341 6.92 -27.03 9.89
C ASP A 341 6.01 -26.24 8.96
N VAL A 342 5.27 -25.25 9.50
CA VAL A 342 4.38 -24.46 8.67
C VAL A 342 5.16 -23.51 7.78
N ILE A 343 6.18 -22.84 8.33
CA ILE A 343 6.93 -21.86 7.55
C ILE A 343 7.87 -22.53 6.55
N ILE A 344 8.26 -23.79 6.77
CA ILE A 344 8.97 -24.55 5.75
C ILE A 344 8.06 -24.82 4.56
N LYS A 345 6.81 -25.23 4.83
CA LYS A 345 5.81 -25.38 3.78
C LYS A 345 5.46 -24.04 3.15
N ASN A 346 5.46 -22.96 3.94
CA ASN A 346 5.23 -21.63 3.38
C ASN A 346 6.40 -21.17 2.52
N ASN A 347 7.63 -21.53 2.88
CA ASN A 347 8.78 -21.19 2.04
C ASN A 347 8.80 -22.06 0.77
N LEU A 348 8.37 -23.32 0.89
CA LEU A 348 8.37 -24.22 -0.26
C LEU A 348 7.23 -23.91 -1.22
N LYS A 349 6.12 -23.37 -0.74
CA LYS A 349 5.04 -22.99 -1.65
C LYS A 349 5.28 -21.65 -2.32
N ASP A 350 6.22 -20.84 -1.81
CA ASP A 350 6.58 -19.61 -2.52
C ASP A 350 7.35 -19.92 -3.80
N CYS A 351 8.30 -20.84 -3.74
CA CYS A 351 9.05 -21.22 -4.93
C CYS A 351 8.27 -22.15 -5.85
N GLY A 352 7.28 -22.89 -5.32
CA GLY A 352 6.50 -23.80 -6.12
C GLY A 352 6.81 -25.28 -5.98
N LEU A 353 7.69 -25.66 -5.05
CA LEU A 353 7.99 -27.08 -4.86
C LEU A 353 6.89 -27.77 -4.05
N PHE A 354 6.65 -27.31 -2.83
CA PHE A 354 5.67 -27.95 -1.95
C PHE A 354 4.72 -26.93 -1.34
N LEU B 16 -47.35 -5.20 29.67
CA LEU B 16 -45.92 -4.97 29.44
C LEU B 16 -45.56 -5.17 27.98
N ARG B 17 -45.31 -6.42 27.60
CA ARG B 17 -44.96 -6.73 26.21
C ARG B 17 -46.17 -6.64 25.30
N GLN B 18 -47.37 -6.85 25.83
CA GLN B 18 -48.57 -6.82 25.00
C GLN B 18 -48.93 -5.40 24.57
N GLU B 19 -48.53 -4.39 25.36
CA GLU B 19 -48.79 -3.01 24.97
C GLU B 19 -47.87 -2.57 23.85
N ALA B 20 -46.63 -3.07 23.82
CA ALA B 20 -45.72 -2.74 22.73
C ALA B 20 -46.06 -3.49 21.45
N GLU B 21 -46.70 -4.66 21.57
CA GLU B 21 -47.00 -5.48 20.39
C GLU B 21 -48.13 -4.87 19.57
N GLN B 22 -49.15 -4.31 20.23
CA GLN B 22 -50.28 -3.75 19.51
C GLN B 22 -49.93 -2.45 18.79
N LEU B 23 -48.98 -1.68 19.33
CA LEU B 23 -48.54 -0.46 18.65
C LEU B 23 -47.53 -0.74 17.54
N LYS B 24 -47.00 -1.96 17.45
CA LYS B 24 -46.25 -2.34 16.26
C LYS B 24 -47.16 -2.36 15.02
N ASN B 25 -48.39 -2.83 15.19
CA ASN B 25 -49.37 -2.77 14.11
C ASN B 25 -49.80 -1.34 13.82
N GLN B 26 -49.75 -0.46 14.84
CA GLN B 26 -50.06 0.95 14.63
C GLN B 26 -49.02 1.64 13.76
N ILE B 27 -47.77 1.20 13.84
CA ILE B 27 -46.76 1.64 12.87
C ILE B 27 -47.06 1.06 11.50
N ARG B 28 -47.52 -0.20 11.45
CA ARG B 28 -47.63 -0.92 10.18
C ARG B 28 -48.79 -0.42 9.33
N ASP B 29 -49.97 -0.20 9.94
CA ASP B 29 -51.13 0.17 9.13
C ASP B 29 -51.06 1.62 8.66
N ALA B 30 -50.46 2.50 9.45
CA ALA B 30 -50.20 3.86 8.98
C ALA B 30 -49.18 3.87 7.86
N ARG B 31 -48.17 2.99 7.94
CA ARG B 31 -47.22 2.84 6.84
C ARG B 31 -47.87 2.20 5.63
N LYS B 32 -48.84 1.30 5.84
CA LYS B 32 -49.56 0.70 4.72
C LYS B 32 -50.43 1.72 4.01
N ALA B 33 -51.10 2.60 4.77
CA ALA B 33 -51.89 3.66 4.16
C ALA B 33 -51.02 4.77 3.59
N CYS B 34 -49.77 4.89 4.04
CA CYS B 34 -48.87 5.89 3.50
C CYS B 34 -48.41 5.54 2.09
N ALA B 35 -48.22 4.25 1.80
CA ALA B 35 -47.73 3.81 0.50
C ALA B 35 -48.90 3.69 -0.46
N ASP B 36 -49.09 4.71 -1.29
CA ASP B 36 -50.11 4.66 -2.33
C ASP B 36 -49.56 4.16 -3.66
N ALA B 37 -48.30 4.40 -3.94
CA ALA B 37 -47.65 3.92 -5.16
C ALA B 37 -46.23 3.50 -4.81
N THR B 38 -45.46 3.14 -5.83
CA THR B 38 -44.07 2.76 -5.66
C THR B 38 -43.17 3.66 -6.51
N LEU B 39 -41.87 3.57 -6.25
CA LEU B 39 -40.89 4.34 -7.03
C LEU B 39 -40.81 3.86 -8.46
N SER B 40 -41.01 2.57 -8.69
CA SER B 40 -41.01 2.02 -10.05
C SER B 40 -42.19 2.55 -10.87
N GLN B 41 -43.36 2.68 -10.24
CA GLN B 41 -44.53 3.21 -10.94
C GLN B 41 -44.39 4.69 -11.26
N ILE B 42 -43.54 5.42 -10.53
CA ILE B 42 -43.27 6.81 -10.87
C ILE B 42 -42.22 6.90 -11.97
N THR B 43 -41.14 6.13 -11.85
CA THR B 43 -39.99 6.27 -12.74
C THR B 43 -39.99 5.28 -13.89
N ASN B 44 -41.09 4.59 -14.15
CA ASN B 44 -41.16 3.71 -15.32
C ASN B 44 -41.24 4.48 -16.64
N ASN B 45 -41.54 5.77 -16.61
CA ASN B 45 -41.73 6.57 -17.81
C ASN B 45 -40.58 7.55 -18.06
N ILE B 46 -39.39 7.25 -17.55
CA ILE B 46 -38.22 8.06 -17.80
C ILE B 46 -37.18 7.22 -18.53
N ASP B 47 -36.23 7.91 -19.18
CA ASP B 47 -35.20 7.24 -19.93
C ASP B 47 -34.15 6.62 -19.00
N PRO B 48 -33.58 5.47 -19.38
CA PRO B 48 -32.47 4.92 -18.60
C PRO B 48 -31.20 5.74 -18.81
N VAL B 49 -30.29 5.63 -17.83
CA VAL B 49 -29.05 6.39 -17.88
C VAL B 49 -28.09 5.80 -18.92
N GLY B 50 -28.24 4.52 -19.27
CA GLY B 50 -27.40 3.88 -20.24
C GLY B 50 -26.32 3.04 -19.59
N ARG B 51 -25.65 2.24 -20.43
CA ARG B 51 -24.59 1.35 -19.98
C ARG B 51 -23.35 2.17 -19.67
N ILE B 52 -23.09 2.39 -18.38
CA ILE B 52 -21.97 3.22 -17.95
C ILE B 52 -20.67 2.40 -18.03
N GLN B 53 -19.77 2.82 -18.91
CA GLN B 53 -18.45 2.22 -19.02
C GLN B 53 -17.42 3.27 -18.59
N MET B 54 -16.66 2.94 -17.55
CA MET B 54 -15.67 3.86 -17.00
C MET B 54 -14.44 3.07 -16.58
N ARG B 55 -13.27 3.63 -16.85
CA ARG B 55 -12.01 2.92 -16.75
C ARG B 55 -11.19 3.44 -15.58
N THR B 56 -10.14 2.69 -15.25
CA THR B 56 -9.21 3.08 -14.20
C THR B 56 -8.26 4.15 -14.75
N ARG B 57 -8.19 5.29 -14.06
CA ARG B 57 -7.30 6.37 -14.44
C ARG B 57 -6.01 6.38 -13.62
N ARG B 58 -6.09 6.06 -12.33
CA ARG B 58 -4.92 5.97 -11.47
C ARG B 58 -5.01 4.70 -10.63
N THR B 59 -3.86 4.12 -10.34
CA THR B 59 -3.76 2.95 -9.47
C THR B 59 -2.72 3.22 -8.40
N LEU B 60 -3.13 3.16 -7.14
CA LEU B 60 -2.27 3.46 -6.00
C LEU B 60 -1.76 2.15 -5.44
N ARG B 61 -0.45 1.93 -5.53
CA ARG B 61 0.14 0.62 -5.28
C ARG B 61 1.02 0.58 -4.02
N GLY B 62 0.90 1.57 -3.14
CA GLY B 62 1.82 1.63 -2.01
C GLY B 62 1.56 0.64 -0.90
N HIS B 63 0.32 0.14 -0.79
CA HIS B 63 -0.03 -0.68 0.36
C HIS B 63 0.36 -2.13 0.14
N LEU B 64 0.46 -2.87 1.24
CA LEU B 64 0.86 -4.28 1.22
C LEU B 64 -0.14 -5.22 1.89
N ALA B 65 -1.19 -4.71 2.53
CA ALA B 65 -2.20 -5.54 3.14
C ALA B 65 -3.59 -5.14 2.63
N LYS B 66 -4.64 -5.71 3.20
CA LYS B 66 -5.99 -5.42 2.75
C LYS B 66 -6.40 -4.00 3.10
N ILE B 67 -7.00 -3.31 2.13
CA ILE B 67 -7.59 -2.00 2.37
C ILE B 67 -8.96 -2.19 2.99
N TYR B 68 -9.22 -1.52 4.11
CA TYR B 68 -10.49 -1.64 4.80
C TYR B 68 -11.33 -0.37 4.80
N ALA B 69 -10.71 0.80 4.66
CA ALA B 69 -11.45 2.04 4.67
C ALA B 69 -10.74 3.06 3.80
N MET B 70 -11.54 3.95 3.20
CA MET B 70 -11.03 5.01 2.35
C MET B 70 -11.98 6.19 2.44
N HIS B 71 -11.43 7.39 2.62
CA HIS B 71 -12.23 8.60 2.65
C HIS B 71 -11.57 9.68 1.80
N TRP B 72 -12.39 10.41 1.04
CA TRP B 72 -11.93 11.48 0.19
C TRP B 72 -11.68 12.75 1.01
N GLY B 73 -11.22 13.80 0.34
CA GLY B 73 -11.03 15.10 0.94
C GLY B 73 -12.09 16.09 0.48
N THR B 74 -12.05 17.27 1.12
CA THR B 74 -13.00 18.33 0.75
C THR B 74 -12.62 18.98 -0.57
N ASP B 75 -11.33 19.05 -0.89
CA ASP B 75 -10.85 19.61 -2.14
C ASP B 75 -10.88 18.60 -3.28
N SER B 76 -11.31 17.37 -3.01
CA SER B 76 -11.48 16.28 -4.00
C SER B 76 -10.17 15.93 -4.71
N ARG B 77 -9.05 16.12 -4.03
CA ARG B 77 -7.74 15.71 -4.55
C ARG B 77 -6.99 14.78 -3.61
N LEU B 78 -7.02 15.06 -2.31
CA LEU B 78 -6.35 14.21 -1.33
C LEU B 78 -7.32 13.20 -0.77
N LEU B 79 -6.85 11.96 -0.60
CA LEU B 79 -7.63 10.91 0.04
C LEU B 79 -6.75 10.19 1.04
N VAL B 80 -7.39 9.55 2.01
CA VAL B 80 -6.72 8.77 3.03
C VAL B 80 -7.22 7.33 2.94
N SER B 81 -6.28 6.39 3.01
CA SER B 81 -6.60 4.97 2.93
C SER B 81 -6.05 4.25 4.16
N ALA B 82 -6.86 3.37 4.72
CA ALA B 82 -6.49 2.61 5.91
C ALA B 82 -6.34 1.15 5.55
N SER B 83 -5.27 0.53 6.04
CA SER B 83 -4.99 -0.87 5.73
C SER B 83 -4.49 -1.58 6.98
N GLN B 84 -4.31 -2.89 6.86
CA GLN B 84 -4.03 -3.75 8.00
C GLN B 84 -2.55 -3.97 8.27
N ASP B 85 -1.65 -3.31 7.53
CA ASP B 85 -0.23 -3.36 7.86
C ASP B 85 0.18 -2.24 8.81
N GLY B 86 -0.77 -1.42 9.28
CA GLY B 86 -0.45 -0.38 10.22
C GLY B 86 -0.01 0.93 9.62
N LYS B 87 -0.45 1.24 8.39
CA LYS B 87 -0.04 2.45 7.70
C LYS B 87 -1.26 3.25 7.27
N LEU B 88 -1.29 4.52 7.64
CA LEU B 88 -2.24 5.49 7.10
C LEU B 88 -1.51 6.36 6.08
N ILE B 89 -1.91 6.28 4.82
CA ILE B 89 -1.21 6.96 3.73
C ILE B 89 -2.17 7.97 3.11
N ILE B 90 -1.71 9.21 3.00
CA ILE B 90 -2.45 10.28 2.34
C ILE B 90 -1.94 10.38 0.91
N TRP B 91 -2.85 10.24 -0.05
CA TRP B 91 -2.51 10.13 -1.46
C TRP B 91 -2.85 11.41 -2.19
N ASP B 92 -1.91 11.89 -3.01
CA ASP B 92 -2.20 12.92 -4.01
C ASP B 92 -2.68 12.19 -5.25
N SER B 93 -4.00 12.14 -5.44
CA SER B 93 -4.58 11.32 -6.51
C SER B 93 -4.35 11.91 -7.89
N TYR B 94 -3.99 13.19 -8.00
CA TYR B 94 -3.73 13.79 -9.31
C TYR B 94 -2.44 13.27 -9.91
N THR B 95 -1.37 13.22 -9.12
CA THR B 95 -0.03 12.92 -9.62
C THR B 95 0.50 11.57 -9.13
N THR B 96 -0.34 10.80 -8.42
CA THR B 96 0.02 9.52 -7.79
C THR B 96 1.23 9.69 -6.86
N ASN B 97 1.03 10.54 -5.85
CA ASN B 97 2.07 10.87 -4.89
C ASN B 97 1.62 10.50 -3.48
N LYS B 98 2.60 10.32 -2.60
CA LYS B 98 2.36 10.03 -1.20
C LYS B 98 2.68 11.29 -0.40
N VAL B 99 1.62 12.01 0.00
CA VAL B 99 1.82 13.23 0.79
C VAL B 99 2.30 12.89 2.20
N HIS B 100 1.69 11.90 2.84
CA HIS B 100 2.06 11.52 4.19
C HIS B 100 1.93 10.01 4.35
N ALA B 101 2.70 9.47 5.28
CA ALA B 101 2.60 8.06 5.68
C ALA B 101 2.62 8.03 7.21
N ILE B 102 1.49 7.66 7.80
CA ILE B 102 1.28 7.72 9.25
C ILE B 102 1.35 6.31 9.79
N PRO B 103 2.39 5.95 10.56
CA PRO B 103 2.38 4.66 11.24
C PRO B 103 1.35 4.64 12.36
N LEU B 104 0.75 3.47 12.58
CA LEU B 104 -0.36 3.31 13.49
C LEU B 104 0.05 2.46 14.69
N ARG B 105 -0.50 2.79 15.86
CA ARG B 105 -0.18 2.06 17.07
C ARG B 105 -0.77 0.66 17.05
N SER B 106 -1.97 0.50 16.51
CA SER B 106 -2.61 -0.80 16.35
C SER B 106 -2.86 -1.06 14.88
N SER B 107 -2.40 -2.22 14.41
CA SER B 107 -2.52 -2.56 13.00
C SER B 107 -3.94 -2.95 12.58
N TRP B 108 -4.84 -3.18 13.52
CA TRP B 108 -6.19 -3.62 13.22
C TRP B 108 -7.07 -2.40 13.07
N VAL B 109 -7.21 -1.92 11.83
CA VAL B 109 -7.91 -0.69 11.52
C VAL B 109 -9.08 -1.02 10.60
N MET B 110 -10.28 -0.58 10.99
CA MET B 110 -11.48 -0.82 10.21
C MET B 110 -12.16 0.45 9.71
N THR B 111 -11.72 1.63 10.15
CA THR B 111 -12.34 2.88 9.74
C THR B 111 -11.28 3.96 9.58
N CYS B 112 -11.61 4.96 8.77
CA CYS B 112 -10.77 6.13 8.59
C CYS B 112 -11.65 7.32 8.23
N ALA B 113 -11.13 8.52 8.49
CA ALA B 113 -11.91 9.73 8.26
C ALA B 113 -10.99 10.88 7.87
N TYR B 114 -11.58 11.87 7.22
CA TYR B 114 -10.88 13.08 6.80
C TYR B 114 -11.67 14.29 7.30
N ALA B 115 -10.98 15.24 7.92
CA ALA B 115 -11.63 16.43 8.44
C ALA B 115 -12.08 17.32 7.29
N PRO B 116 -13.18 18.07 7.46
CA PRO B 116 -13.59 19.04 6.42
C PRO B 116 -12.59 20.15 6.20
N SER B 117 -11.86 20.56 7.25
CA SER B 117 -10.81 21.55 7.10
C SER B 117 -9.52 20.97 6.54
N GLY B 118 -9.39 19.64 6.51
CA GLY B 118 -8.20 19.01 6.00
C GLY B 118 -7.03 18.94 6.96
N ASN B 119 -7.21 19.41 8.19
CA ASN B 119 -6.12 19.44 9.16
C ASN B 119 -6.02 18.18 10.00
N TYR B 120 -7.03 17.31 9.97
CA TYR B 120 -7.07 16.16 10.85
C TYR B 120 -7.50 14.91 10.09
N VAL B 121 -7.06 13.75 10.58
CA VAL B 121 -7.53 12.45 10.13
C VAL B 121 -7.85 11.60 11.35
N ALA B 122 -8.70 10.62 11.15
CA ALA B 122 -9.10 9.70 12.21
C ALA B 122 -8.90 8.26 11.76
N CYS B 123 -8.74 7.37 12.74
CA CYS B 123 -8.63 5.95 12.47
C CYS B 123 -9.12 5.19 13.69
N GLY B 124 -9.49 3.93 13.48
CA GLY B 124 -9.95 3.09 14.57
C GLY B 124 -10.20 1.69 14.07
N GLY B 125 -10.43 0.78 15.02
CA GLY B 125 -10.63 -0.61 14.70
C GLY B 125 -10.89 -1.49 15.90
N LEU B 126 -10.22 -2.64 15.95
CA LEU B 126 -10.43 -3.62 17.02
C LEU B 126 -9.83 -3.19 18.36
N ASP B 127 -9.04 -2.12 18.38
CA ASP B 127 -8.43 -1.64 19.62
C ASP B 127 -9.38 -0.78 20.46
N ASN B 128 -10.60 -0.52 19.96
CA ASN B 128 -11.63 0.28 20.62
C ASN B 128 -11.17 1.72 20.92
N ILE B 129 -10.25 2.22 20.11
CA ILE B 129 -9.61 3.52 20.35
C ILE B 129 -9.63 4.30 19.05
N CYS B 130 -10.20 5.51 19.09
CA CYS B 130 -10.21 6.41 17.95
C CYS B 130 -9.09 7.43 18.13
N SER B 131 -8.16 7.46 17.18
CA SER B 131 -7.00 8.34 17.25
C SER B 131 -7.14 9.48 16.25
N ILE B 132 -6.83 10.68 16.70
CA ILE B 132 -6.90 11.88 15.87
C ILE B 132 -5.48 12.35 15.61
N TYR B 133 -5.11 12.44 14.34
CA TYR B 133 -3.76 12.85 13.94
C TYR B 133 -3.79 14.25 13.34
N ASN B 134 -2.82 15.07 13.73
CA ASN B 134 -2.71 16.44 13.24
C ASN B 134 -1.80 16.48 12.02
N LEU B 135 -2.25 17.17 10.96
CA LEU B 135 -1.53 17.20 9.70
C LEU B 135 -0.77 18.49 9.46
N LYS B 136 -1.16 19.59 10.10
CA LYS B 136 -0.62 20.92 9.81
C LYS B 136 0.28 21.45 10.92
N THR B 137 0.87 20.58 11.74
CA THR B 137 1.73 21.01 12.83
C THR B 137 3.02 21.65 12.31
N ARG B 138 3.56 22.54 13.15
CA ARG B 138 4.80 23.27 12.85
C ARG B 138 5.98 22.34 12.57
N GLU B 139 6.06 21.20 13.25
CA GLU B 139 7.24 20.34 13.15
C GLU B 139 7.32 19.58 11.82
N GLY B 140 6.22 19.48 11.09
CA GLY B 140 6.25 18.87 9.77
C GLY B 140 5.95 17.39 9.71
N ASN B 141 5.84 16.72 10.85
CA ASN B 141 5.53 15.29 10.89
C ASN B 141 4.15 15.08 11.50
N VAL B 142 3.43 14.10 10.97
CA VAL B 142 2.07 13.82 11.44
C VAL B 142 2.14 13.16 12.82
N ARG B 143 1.52 13.79 13.81
CA ARG B 143 1.51 13.29 15.17
C ARG B 143 0.08 13.21 15.68
N VAL B 144 -0.11 12.38 16.70
CA VAL B 144 -1.44 12.18 17.26
C VAL B 144 -1.85 13.39 18.10
N SER B 145 -3.09 13.84 17.91
CA SER B 145 -3.61 15.03 18.59
C SER B 145 -4.50 14.69 19.78
N ARG B 146 -5.41 13.74 19.64
CA ARG B 146 -6.32 13.38 20.71
C ARG B 146 -6.68 11.90 20.58
N GLU B 147 -6.59 11.17 21.70
CA GLU B 147 -6.86 9.75 21.75
C GLU B 147 -8.19 9.51 22.48
N LEU B 148 -9.18 9.01 21.76
CA LEU B 148 -10.51 8.80 22.30
C LEU B 148 -10.70 7.32 22.62
N ALA B 149 -11.08 7.03 23.87
CA ALA B 149 -11.25 5.62 24.26
C ALA B 149 -12.37 5.52 25.30
N GLY B 150 -13.61 5.52 24.84
CA GLY B 150 -14.74 5.34 25.73
C GLY B 150 -15.63 4.18 25.36
N HIS B 151 -15.33 3.52 24.24
CA HIS B 151 -16.14 2.42 23.73
C HIS B 151 -15.67 1.07 24.24
N THR B 152 -16.58 0.10 24.16
CA THR B 152 -16.30 -1.29 24.48
C THR B 152 -16.49 -2.22 23.29
N GLY B 153 -16.92 -1.69 22.15
CA GLY B 153 -17.06 -2.47 20.93
C GLY B 153 -16.17 -1.95 19.82
N TYR B 154 -15.90 -2.79 18.82
CA TYR B 154 -14.95 -2.45 17.77
C TYR B 154 -15.47 -1.29 16.92
N LEU B 155 -14.58 -0.35 16.60
CA LEU B 155 -14.96 0.81 15.82
C LEU B 155 -15.23 0.42 14.37
N SER B 156 -16.34 0.89 13.83
CA SER B 156 -16.78 0.55 12.49
C SER B 156 -16.73 1.72 11.52
N CYS B 157 -17.19 2.89 11.92
CA CYS B 157 -17.18 4.06 11.05
C CYS B 157 -17.11 5.32 11.90
N CYS B 158 -16.31 6.28 11.46
CA CYS B 158 -16.18 7.57 12.11
C CYS B 158 -16.24 8.67 11.07
N ARG B 159 -16.98 9.75 11.37
CA ARG B 159 -17.16 10.86 10.44
C ARG B 159 -16.96 12.17 11.19
N PHE B 160 -16.08 13.02 10.66
CA PHE B 160 -15.87 14.33 11.26
C PHE B 160 -17.05 15.26 10.97
N LEU B 161 -17.46 16.00 11.99
CA LEU B 161 -18.42 17.08 11.81
C LEU B 161 -17.70 18.39 11.55
N ASP B 162 -16.73 18.72 12.41
CA ASP B 162 -15.78 19.81 12.20
C ASP B 162 -14.51 19.46 12.96
N ASP B 163 -13.63 20.44 13.13
CA ASP B 163 -12.38 20.24 13.86
C ASP B 163 -12.56 19.97 15.35
N ASN B 164 -13.76 20.12 15.91
CA ASN B 164 -13.96 20.01 17.35
C ASN B 164 -14.82 18.83 17.79
N GLN B 165 -15.69 18.30 16.93
CA GLN B 165 -16.53 17.18 17.33
C GLN B 165 -16.58 16.13 16.22
N ILE B 166 -16.64 14.87 16.63
CA ILE B 166 -16.64 13.73 15.72
C ILE B 166 -17.68 12.73 16.22
N VAL B 167 -18.34 12.04 15.29
CA VAL B 167 -19.30 10.99 15.60
C VAL B 167 -18.69 9.65 15.20
N THR B 168 -18.83 8.66 16.09
CA THR B 168 -18.21 7.35 15.91
C THR B 168 -19.24 6.24 16.03
N SER B 169 -18.98 5.13 15.34
CA SER B 169 -19.78 3.92 15.42
C SER B 169 -18.96 2.80 16.02
N SER B 170 -19.58 2.01 16.89
CA SER B 170 -18.88 0.95 17.60
C SER B 170 -19.70 -0.33 17.53
N GLY B 171 -19.05 -1.43 17.93
CA GLY B 171 -19.67 -2.74 17.95
C GLY B 171 -20.38 -3.12 19.23
N ASP B 172 -20.55 -2.20 20.17
CA ASP B 172 -21.30 -2.48 21.40
C ASP B 172 -22.71 -1.91 21.33
N THR B 173 -23.31 -1.96 20.13
CA THR B 173 -24.69 -1.51 19.84
C THR B 173 -24.94 -0.07 20.26
N THR B 174 -23.90 0.77 20.27
CA THR B 174 -24.02 2.18 20.60
C THR B 174 -23.28 3.04 19.58
N CYS B 175 -23.77 4.26 19.40
CA CYS B 175 -23.06 5.32 18.72
C CYS B 175 -22.84 6.47 19.69
N ALA B 176 -21.81 7.28 19.44
CA ALA B 176 -21.46 8.34 20.37
C ALA B 176 -21.04 9.59 19.62
N LEU B 177 -21.21 10.74 20.28
CA LEU B 177 -20.75 12.03 19.80
C LEU B 177 -19.65 12.51 20.72
N TRP B 178 -18.51 12.88 20.15
CA TRP B 178 -17.31 13.19 20.92
C TRP B 178 -17.02 14.68 20.87
N ASP B 179 -16.04 15.09 21.67
CA ASP B 179 -15.49 16.44 21.66
C ASP B 179 -13.97 16.32 21.69
N ILE B 180 -13.32 16.88 20.67
CA ILE B 180 -11.88 16.69 20.49
C ILE B 180 -11.09 17.43 21.57
N GLU B 181 -11.55 18.64 21.94
CA GLU B 181 -10.82 19.47 22.89
C GLU B 181 -10.85 18.87 24.30
N THR B 182 -12.03 18.49 24.78
CA THR B 182 -12.13 17.91 26.11
C THR B 182 -11.67 16.46 26.14
N GLY B 183 -11.87 15.73 25.04
CA GLY B 183 -11.49 14.33 25.00
C GLY B 183 -12.50 13.36 25.56
N GLN B 184 -13.69 13.83 25.91
CA GLN B 184 -14.73 12.99 26.46
C GLN B 184 -16.01 13.14 25.65
N GLN B 185 -16.78 12.05 25.58
CA GLN B 185 -18.00 12.04 24.80
C GLN B 185 -19.09 12.85 25.50
N THR B 186 -19.87 13.58 24.70
CA THR B 186 -20.95 14.41 25.22
C THR B 186 -22.33 13.78 25.07
N THR B 187 -22.54 12.97 24.04
CA THR B 187 -23.82 12.34 23.78
C THR B 187 -23.59 10.86 23.46
N THR B 188 -24.46 10.01 24.00
CA THR B 188 -24.45 8.58 23.71
C THR B 188 -25.77 8.20 23.08
N PHE B 189 -25.70 7.52 21.93
CA PHE B 189 -26.88 7.11 21.17
C PHE B 189 -27.10 5.62 21.39
N THR B 190 -28.14 5.29 22.17
CA THR B 190 -28.43 3.92 22.53
C THR B 190 -29.81 3.53 22.03
N GLY B 191 -29.98 2.22 21.79
CA GLY B 191 -31.25 1.71 21.33
C GLY B 191 -31.12 0.55 20.35
N HIS B 192 -29.95 0.44 19.71
CA HIS B 192 -29.70 -0.68 18.81
C HIS B 192 -29.49 -1.96 19.60
N THR B 193 -29.85 -3.08 18.98
CA THR B 193 -29.61 -4.40 19.55
C THR B 193 -28.49 -5.17 18.86
N GLY B 194 -28.22 -4.87 17.60
CA GLY B 194 -27.13 -5.49 16.88
C GLY B 194 -25.91 -4.58 16.77
N ASP B 195 -24.83 -5.16 16.25
CA ASP B 195 -23.56 -4.44 16.14
C ASP B 195 -23.65 -3.38 15.06
N VAL B 196 -23.37 -2.13 15.41
CA VAL B 196 -23.52 -1.02 14.49
C VAL B 196 -22.30 -0.98 13.56
N MET B 197 -22.54 -0.93 12.25
CA MET B 197 -21.50 -1.18 11.28
C MET B 197 -21.12 0.03 10.43
N SER B 198 -21.92 1.09 10.40
CA SER B 198 -21.65 2.20 9.49
C SER B 198 -22.24 3.49 10.02
N LEU B 199 -21.74 4.60 9.47
CA LEU B 199 -22.29 5.93 9.72
C LEU B 199 -22.37 6.70 8.40
N SER B 200 -23.22 7.71 8.40
CA SER B 200 -23.30 8.66 7.31
C SER B 200 -23.77 9.99 7.88
N LEU B 201 -23.10 11.07 7.52
CA LEU B 201 -23.49 12.41 7.96
C LEU B 201 -24.31 13.10 6.86
N ALA B 202 -25.34 13.82 7.30
CA ALA B 202 -26.21 14.53 6.38
C ALA B 202 -25.48 15.74 5.79
N PRO B 203 -25.94 16.25 4.63
CA PRO B 203 -25.34 17.49 4.09
C PRO B 203 -25.48 18.72 4.98
N ASP B 204 -26.54 18.85 5.76
CA ASP B 204 -26.66 19.97 6.68
C ASP B 204 -26.03 19.70 8.04
N THR B 205 -25.55 18.47 8.27
CA THR B 205 -24.83 18.04 9.47
C THR B 205 -25.62 18.28 10.76
N ARG B 206 -26.94 18.05 10.69
CA ARG B 206 -27.82 18.19 11.84
C ARG B 206 -28.29 16.85 12.38
N LEU B 207 -28.21 15.79 11.59
CA LEU B 207 -28.78 14.49 11.94
C LEU B 207 -28.03 13.43 11.14
N PHE B 208 -28.13 12.18 11.60
CA PHE B 208 -27.34 11.12 10.97
C PHE B 208 -28.04 9.78 11.14
N VAL B 209 -27.65 8.84 10.29
CA VAL B 209 -28.15 7.47 10.33
C VAL B 209 -27.03 6.54 10.80
N SER B 210 -27.42 5.31 11.13
CA SER B 210 -26.45 4.27 11.47
C SER B 210 -27.06 2.91 11.15
N GLY B 211 -26.33 2.11 10.38
CA GLY B 211 -26.75 0.76 10.05
C GLY B 211 -26.12 -0.23 11.01
N ALA B 212 -26.92 -1.20 11.47
CA ALA B 212 -26.49 -2.13 12.49
C ALA B 212 -26.74 -3.56 12.02
N CYS B 213 -26.45 -4.51 12.90
CA CYS B 213 -26.57 -5.93 12.61
C CYS B 213 -27.90 -6.53 13.02
N ASP B 214 -28.86 -5.69 13.47
CA ASP B 214 -30.20 -6.15 13.79
C ASP B 214 -31.14 -6.07 12.60
N ALA B 215 -30.61 -5.94 11.38
CA ALA B 215 -31.35 -5.71 10.14
C ALA B 215 -32.25 -4.48 10.26
N SER B 216 -31.72 -3.42 10.86
CA SER B 216 -32.48 -2.19 11.08
C SER B 216 -31.52 -1.02 11.17
N ALA B 217 -31.90 0.09 10.52
CA ALA B 217 -31.14 1.32 10.58
C ALA B 217 -32.03 2.41 11.18
N LYS B 218 -31.45 3.19 12.09
CA LYS B 218 -32.20 4.18 12.86
C LYS B 218 -31.59 5.56 12.68
N LEU B 219 -32.47 6.56 12.55
CA LEU B 219 -32.06 7.95 12.35
C LEU B 219 -31.96 8.66 13.68
N TRP B 220 -30.84 9.34 13.92
CA TRP B 220 -30.56 9.99 15.18
C TRP B 220 -30.46 11.50 14.98
N ASP B 221 -30.68 12.24 16.07
CA ASP B 221 -30.44 13.68 16.11
C ASP B 221 -29.14 13.96 16.85
N VAL B 222 -28.35 14.89 16.32
CA VAL B 222 -27.05 15.18 16.90
C VAL B 222 -27.20 16.08 18.13
N ARG B 223 -28.16 17.00 18.13
CA ARG B 223 -28.26 18.01 19.18
C ARG B 223 -28.74 17.42 20.50
N GLU B 224 -29.94 16.87 20.52
CA GLU B 224 -30.52 16.35 21.75
C GLU B 224 -30.26 14.86 21.97
N GLY B 225 -29.87 14.13 20.91
CA GLY B 225 -29.48 12.74 21.07
C GLY B 225 -30.61 11.77 21.29
N MET B 226 -31.56 11.71 20.36
CA MET B 226 -32.65 10.75 20.43
C MET B 226 -32.91 10.18 19.04
N CYS B 227 -33.35 8.94 19.00
CA CYS B 227 -33.71 8.30 17.74
C CYS B 227 -35.07 8.78 17.28
N ARG B 228 -35.13 9.29 16.05
CA ARG B 228 -36.38 9.81 15.51
C ARG B 228 -37.19 8.74 14.81
N GLN B 229 -36.60 8.05 13.84
CA GLN B 229 -37.30 7.04 13.05
C GLN B 229 -36.49 5.74 13.06
N THR B 230 -37.20 4.64 12.80
CA THR B 230 -36.60 3.31 12.72
C THR B 230 -37.03 2.66 11.42
N PHE B 231 -36.07 2.17 10.65
CA PHE B 231 -36.31 1.59 9.33
C PHE B 231 -35.94 0.13 9.34
N THR B 232 -36.85 -0.73 8.88
CA THR B 232 -36.64 -2.16 8.77
C THR B 232 -36.89 -2.60 7.33
N GLY B 233 -36.72 -3.89 7.08
CA GLY B 233 -36.98 -4.44 5.76
C GLY B 233 -35.97 -5.48 5.30
N HIS B 234 -34.73 -5.33 5.75
CA HIS B 234 -33.70 -6.32 5.42
C HIS B 234 -33.89 -7.59 6.23
N GLU B 235 -33.48 -8.71 5.63
CA GLU B 235 -33.49 -10.00 6.32
C GLU B 235 -32.10 -10.41 6.79
N SER B 236 -31.10 -9.53 6.67
CA SER B 236 -29.76 -9.83 7.11
C SER B 236 -29.11 -8.55 7.60
N ASP B 237 -27.89 -8.68 8.12
CA ASP B 237 -27.20 -7.57 8.77
C ASP B 237 -26.66 -6.55 7.77
N ILE B 238 -26.70 -5.29 8.17
CA ILE B 238 -26.36 -4.16 7.29
C ILE B 238 -24.89 -3.81 7.50
N ASN B 239 -24.17 -3.62 6.40
CA ASN B 239 -22.74 -3.32 6.46
C ASN B 239 -22.38 -1.90 6.02
N ALA B 240 -23.29 -1.17 5.38
CA ALA B 240 -22.94 0.15 4.87
C ALA B 240 -24.18 1.02 4.80
N ILE B 241 -23.96 2.34 4.83
CA ILE B 241 -25.04 3.31 4.80
C ILE B 241 -24.47 4.61 4.23
N CYS B 242 -25.34 5.37 3.56
CA CYS B 242 -24.95 6.63 2.93
C CYS B 242 -26.20 7.44 2.62
N PHE B 243 -26.22 8.71 3.03
CA PHE B 243 -27.30 9.61 2.64
C PHE B 243 -27.29 9.92 1.15
N PHE B 244 -28.46 10.29 0.67
CA PHE B 244 -28.61 10.95 -0.62
C PHE B 244 -27.96 12.33 -0.57
N PRO B 245 -27.51 12.85 -1.71
CA PRO B 245 -27.06 14.25 -1.74
C PRO B 245 -28.13 15.27 -1.39
N ASN B 246 -29.40 14.94 -1.57
CA ASN B 246 -30.48 15.82 -1.12
C ASN B 246 -30.52 15.93 0.40
N GLY B 247 -30.18 14.84 1.10
CA GLY B 247 -30.27 14.79 2.54
C GLY B 247 -31.59 14.30 3.09
N ASN B 248 -32.57 14.04 2.22
CA ASN B 248 -33.87 13.52 2.64
C ASN B 248 -33.99 12.02 2.48
N ALA B 249 -32.92 11.34 2.07
CA ALA B 249 -32.99 9.91 1.80
C ALA B 249 -31.63 9.27 2.04
N PHE B 250 -31.63 7.94 2.17
CA PHE B 250 -30.40 7.20 2.35
C PHE B 250 -30.60 5.78 1.86
N ALA B 251 -29.49 5.04 1.73
CA ALA B 251 -29.51 3.67 1.23
C ALA B 251 -28.65 2.79 2.13
N THR B 252 -28.99 1.51 2.17
CA THR B 252 -28.32 0.52 3.00
C THR B 252 -27.85 -0.65 2.16
N GLY B 253 -26.69 -1.20 2.50
CA GLY B 253 -26.18 -2.38 1.84
C GLY B 253 -25.94 -3.51 2.82
N SER B 254 -26.61 -4.64 2.60
CA SER B 254 -26.60 -5.75 3.55
C SER B 254 -25.92 -6.97 2.95
N ASP B 255 -25.90 -8.05 3.72
CA ASP B 255 -25.26 -9.30 3.32
C ASP B 255 -26.15 -10.22 2.50
N ASP B 256 -27.40 -9.83 2.25
CA ASP B 256 -28.33 -10.67 1.49
C ASP B 256 -28.34 -10.34 0.00
N ALA B 257 -27.25 -9.74 -0.51
CA ALA B 257 -27.10 -9.31 -1.90
C ALA B 257 -28.23 -8.37 -2.32
N THR B 258 -28.58 -7.43 -1.45
CA THR B 258 -29.74 -6.58 -1.66
C THR B 258 -29.44 -5.19 -1.13
N CYS B 259 -29.60 -4.19 -1.99
CA CYS B 259 -29.57 -2.79 -1.57
C CYS B 259 -30.99 -2.24 -1.56
N ARG B 260 -31.28 -1.39 -0.57
CA ARG B 260 -32.60 -0.82 -0.40
C ARG B 260 -32.48 0.68 -0.19
N LEU B 261 -33.54 1.40 -0.55
CA LEU B 261 -33.58 2.86 -0.44
C LEU B 261 -34.71 3.26 0.49
N PHE B 262 -34.41 4.18 1.42
CA PHE B 262 -35.37 4.68 2.38
C PHE B 262 -35.58 6.16 2.17
N ASP B 263 -36.71 6.66 2.69
CA ASP B 263 -37.01 8.09 2.71
C ASP B 263 -37.25 8.51 4.15
N LEU B 264 -36.65 9.63 4.55
CA LEU B 264 -36.81 10.11 5.92
C LEU B 264 -38.19 10.70 6.18
N ARG B 265 -38.92 11.07 5.12
CA ARG B 265 -40.28 11.57 5.26
C ARG B 265 -41.34 10.49 5.03
N ALA B 266 -41.13 9.61 4.05
CA ALA B 266 -42.10 8.55 3.79
C ALA B 266 -42.02 7.43 4.82
N ASP B 267 -40.84 7.23 5.42
CA ASP B 267 -40.60 6.28 6.53
C ASP B 267 -40.90 4.84 6.13
N GLN B 268 -40.56 4.48 4.89
CA GLN B 268 -40.79 3.13 4.40
C GLN B 268 -39.81 2.80 3.29
N GLU B 269 -39.91 1.57 2.78
CA GLU B 269 -39.12 1.15 1.62
C GLU B 269 -39.61 1.85 0.36
N LEU B 270 -38.67 2.13 -0.55
CA LEU B 270 -39.01 2.66 -1.86
C LEU B 270 -38.57 1.76 -3.00
N MET B 271 -37.31 1.34 -3.02
CA MET B 271 -36.80 0.52 -4.11
C MET B 271 -35.88 -0.56 -3.55
N THR B 272 -35.81 -1.68 -4.27
CA THR B 272 -34.99 -2.82 -3.87
C THR B 272 -34.03 -3.12 -5.01
N TYR B 273 -32.73 -2.95 -4.77
CA TYR B 273 -31.70 -3.17 -5.77
C TYR B 273 -31.11 -4.57 -5.53
N SER B 274 -31.57 -5.54 -6.31
CA SER B 274 -31.07 -6.90 -6.18
C SER B 274 -31.17 -7.61 -7.53
N HIS B 275 -30.37 -8.65 -7.69
CA HIS B 275 -30.37 -9.45 -8.90
C HIS B 275 -30.29 -10.93 -8.51
N ASP B 276 -30.78 -11.78 -9.41
CA ASP B 276 -30.84 -13.21 -9.11
C ASP B 276 -29.47 -13.86 -9.12
N ASN B 277 -28.55 -13.37 -9.96
CA ASN B 277 -27.23 -13.98 -10.06
C ASN B 277 -26.25 -13.47 -9.00
N ILE B 278 -26.65 -12.49 -8.18
CA ILE B 278 -25.81 -11.97 -7.13
C ILE B 278 -26.17 -12.68 -5.83
N ILE B 279 -25.17 -13.31 -5.20
CA ILE B 279 -25.34 -14.06 -3.97
C ILE B 279 -24.58 -13.44 -2.81
N CYS B 280 -23.38 -12.94 -3.08
CA CYS B 280 -22.48 -12.46 -2.04
C CYS B 280 -22.95 -11.12 -1.46
N GLY B 281 -22.39 -10.78 -0.30
CA GLY B 281 -22.80 -9.60 0.43
C GLY B 281 -22.23 -8.31 -0.13
N ILE B 282 -22.59 -7.21 0.53
CA ILE B 282 -22.23 -5.86 0.13
C ILE B 282 -21.43 -5.23 1.25
N THR B 283 -20.30 -4.60 0.91
CA THR B 283 -19.42 -3.99 1.91
C THR B 283 -19.53 -2.48 1.99
N SER B 284 -19.67 -1.78 0.86
CA SER B 284 -19.71 -0.33 0.87
C SER B 284 -20.67 0.18 -0.18
N VAL B 285 -21.40 1.25 0.17
CA VAL B 285 -22.42 1.84 -0.70
C VAL B 285 -22.23 3.35 -0.65
N SER B 286 -22.15 3.99 -1.82
CA SER B 286 -22.06 5.44 -1.91
C SER B 286 -22.86 5.93 -3.10
N PHE B 287 -23.25 7.20 -3.03
CA PHE B 287 -23.98 7.87 -4.10
C PHE B 287 -23.05 8.76 -4.93
N SER B 288 -23.56 9.18 -6.09
CA SER B 288 -22.87 10.12 -6.95
C SER B 288 -23.17 11.55 -6.47
N LYS B 289 -22.78 12.55 -7.26
CA LYS B 289 -23.01 13.93 -6.87
C LYS B 289 -24.49 14.31 -7.01
N SER B 290 -25.14 13.88 -8.08
CA SER B 290 -26.55 14.16 -8.30
C SER B 290 -27.46 13.12 -7.66
N GLY B 291 -26.91 12.02 -7.14
CA GLY B 291 -27.69 10.95 -6.58
C GLY B 291 -28.33 10.03 -7.59
N ARG B 292 -28.04 10.20 -8.89
CA ARG B 292 -28.61 9.33 -9.91
C ARG B 292 -27.98 7.95 -9.88
N LEU B 293 -26.69 7.85 -9.54
CA LEU B 293 -25.96 6.60 -9.57
C LEU B 293 -25.61 6.18 -8.15
N LEU B 294 -25.98 4.95 -7.80
CA LEU B 294 -25.57 4.33 -6.54
C LEU B 294 -24.48 3.31 -6.84
N LEU B 295 -23.39 3.37 -6.09
CA LEU B 295 -22.24 2.51 -6.32
C LEU B 295 -22.08 1.59 -5.11
N ALA B 296 -22.15 0.29 -5.35
CA ALA B 296 -22.15 -0.71 -4.28
C ALA B 296 -20.98 -1.67 -4.49
N GLY B 297 -20.21 -1.90 -3.43
CA GLY B 297 -19.09 -2.80 -3.48
C GLY B 297 -19.43 -4.19 -2.98
N TYR B 298 -19.49 -5.16 -3.89
CA TYR B 298 -19.91 -6.51 -3.55
C TYR B 298 -18.69 -7.36 -3.20
N ASP B 299 -18.93 -8.65 -2.92
CA ASP B 299 -17.87 -9.57 -2.55
C ASP B 299 -17.59 -10.62 -3.62
N ASP B 300 -17.91 -10.32 -4.89
CA ASP B 300 -17.63 -11.20 -6.01
C ASP B 300 -16.47 -10.70 -6.84
N PHE B 301 -15.63 -9.84 -6.25
CA PHE B 301 -14.36 -9.26 -6.72
C PHE B 301 -14.62 -8.06 -7.63
N ASN B 302 -15.88 -7.67 -7.84
CA ASN B 302 -16.19 -6.53 -8.69
C ASN B 302 -17.03 -5.50 -7.94
N CYS B 303 -17.50 -4.47 -8.65
CA CYS B 303 -18.31 -3.41 -8.06
C CYS B 303 -19.37 -2.99 -9.08
N ASN B 304 -20.64 -3.23 -8.76
CA ASN B 304 -21.73 -2.88 -9.65
C ASN B 304 -22.19 -1.45 -9.40
N VAL B 305 -22.52 -0.75 -10.48
CA VAL B 305 -23.08 0.59 -10.43
C VAL B 305 -24.58 0.49 -10.62
N TRP B 306 -25.34 0.92 -9.62
CA TRP B 306 -26.79 0.78 -9.61
C TRP B 306 -27.43 2.12 -9.91
N ASP B 307 -28.27 2.17 -10.94
CA ASP B 307 -29.08 3.35 -11.22
C ASP B 307 -30.20 3.42 -10.19
N ALA B 308 -30.09 4.37 -9.25
CA ALA B 308 -30.88 4.36 -8.03
C ALA B 308 -32.35 4.68 -8.23
N LEU B 309 -32.75 5.17 -9.40
CA LEU B 309 -34.15 5.46 -9.68
C LEU B 309 -34.80 4.41 -10.58
N LYS B 310 -34.04 3.43 -11.07
CA LYS B 310 -34.57 2.43 -11.99
C LYS B 310 -34.30 1.00 -11.55
N ALA B 311 -33.47 0.78 -10.51
CA ALA B 311 -33.05 -0.54 -10.02
C ALA B 311 -32.44 -1.39 -11.14
N ASP B 312 -31.59 -0.78 -11.94
CA ASP B 312 -30.92 -1.43 -13.05
C ASP B 312 -29.41 -1.30 -12.88
N ARG B 313 -28.69 -2.40 -13.10
CA ARG B 313 -27.24 -2.39 -13.05
C ARG B 313 -26.73 -1.74 -14.33
N ALA B 314 -26.35 -0.46 -14.25
CA ALA B 314 -25.96 0.31 -15.41
C ALA B 314 -24.46 0.25 -15.69
N GLY B 315 -23.69 -0.40 -14.83
CA GLY B 315 -22.26 -0.51 -15.05
C GLY B 315 -21.58 -1.43 -14.05
N VAL B 316 -20.51 -2.10 -14.49
CA VAL B 316 -19.75 -3.01 -13.67
C VAL B 316 -18.31 -2.51 -13.61
N LEU B 317 -17.76 -2.46 -12.40
CA LEU B 317 -16.35 -2.11 -12.19
C LEU B 317 -15.69 -3.42 -11.76
N ALA B 318 -14.97 -4.05 -12.70
CA ALA B 318 -14.44 -5.38 -12.43
C ALA B 318 -12.93 -5.45 -12.59
N GLY B 319 -12.20 -4.56 -11.94
CA GLY B 319 -10.76 -4.49 -12.08
C GLY B 319 -9.98 -4.90 -10.85
N HIS B 320 -10.64 -5.48 -9.84
CA HIS B 320 -10.00 -5.82 -8.57
C HIS B 320 -9.84 -7.32 -8.45
N ASP B 321 -8.69 -7.75 -7.94
CA ASP B 321 -8.43 -9.17 -7.76
C ASP B 321 -9.25 -9.75 -6.61
N ASN B 322 -9.28 -9.05 -5.48
CA ASN B 322 -9.97 -9.50 -4.29
C ASN B 322 -11.26 -8.68 -4.10
N ARG B 323 -11.94 -8.94 -2.99
CA ARG B 323 -13.23 -8.32 -2.73
C ARG B 323 -13.11 -6.83 -2.44
N VAL B 324 -14.11 -6.08 -2.88
CA VAL B 324 -14.13 -4.64 -2.68
C VAL B 324 -14.63 -4.34 -1.27
N SER B 325 -13.83 -3.62 -0.49
CA SER B 325 -14.18 -3.32 0.89
C SER B 325 -14.60 -1.89 1.14
N CYS B 326 -14.08 -0.92 0.38
CA CYS B 326 -14.41 0.48 0.61
C CYS B 326 -14.42 1.22 -0.72
N LEU B 327 -15.34 2.16 -0.86
CA LEU B 327 -15.39 3.03 -2.03
C LEU B 327 -15.99 4.37 -1.62
N GLY B 328 -15.64 5.40 -2.39
CA GLY B 328 -16.12 6.75 -2.12
C GLY B 328 -16.01 7.66 -3.31
N VAL B 329 -16.98 8.56 -3.45
CA VAL B 329 -17.09 9.47 -4.59
C VAL B 329 -16.73 10.87 -4.13
N THR B 330 -16.07 11.63 -5.01
CA THR B 330 -15.62 12.99 -4.70
C THR B 330 -16.80 13.93 -4.50
N ASP B 331 -16.52 15.08 -3.89
CA ASP B 331 -17.55 16.07 -3.60
C ASP B 331 -18.09 16.72 -4.88
N ASP B 332 -17.22 16.92 -5.87
CA ASP B 332 -17.65 17.46 -7.15
C ASP B 332 -18.04 16.37 -8.16
N GLY B 333 -18.01 15.11 -7.74
CA GLY B 333 -18.42 14.03 -8.63
C GLY B 333 -17.43 13.71 -9.73
N MET B 334 -16.18 14.17 -9.61
CA MET B 334 -15.22 14.01 -10.69
C MET B 334 -14.68 12.59 -10.78
N ALA B 335 -14.53 11.90 -9.64
CA ALA B 335 -13.90 10.58 -9.65
C ALA B 335 -14.43 9.77 -8.47
N VAL B 336 -14.20 8.45 -8.56
CA VAL B 336 -14.51 7.53 -7.48
C VAL B 336 -13.30 6.62 -7.28
N ALA B 337 -12.91 6.42 -6.02
CA ALA B 337 -11.81 5.52 -5.68
C ALA B 337 -12.38 4.28 -5.01
N THR B 338 -11.87 3.11 -5.40
CA THR B 338 -12.30 1.84 -4.85
C THR B 338 -11.13 1.15 -4.17
N GLY B 339 -11.33 0.75 -2.92
CA GLY B 339 -10.35 -0.03 -2.19
C GLY B 339 -10.75 -1.49 -2.15
N SER B 340 -9.75 -2.36 -2.04
CA SER B 340 -9.99 -3.79 -2.04
C SER B 340 -8.90 -4.50 -1.26
N TRP B 341 -9.08 -5.80 -1.06
CA TRP B 341 -8.16 -6.58 -0.23
C TRP B 341 -6.89 -6.97 -0.95
N ASP B 342 -6.73 -6.63 -2.23
CA ASP B 342 -5.50 -6.89 -2.96
C ASP B 342 -4.53 -5.71 -2.92
N SER B 343 -4.63 -4.86 -1.88
CA SER B 343 -3.70 -3.77 -1.57
C SER B 343 -3.64 -2.69 -2.64
N PHE B 344 -4.67 -2.58 -3.48
CA PHE B 344 -4.69 -1.62 -4.58
C PHE B 344 -5.86 -0.67 -4.43
N LEU B 345 -5.57 0.64 -4.50
CA LEU B 345 -6.60 1.66 -4.66
C LEU B 345 -6.66 2.03 -6.14
N LYS B 346 -7.87 2.04 -6.70
CA LYS B 346 -8.07 2.37 -8.10
C LYS B 346 -9.05 3.53 -8.19
N ILE B 347 -8.61 4.61 -8.83
CA ILE B 347 -9.46 5.77 -9.07
C ILE B 347 -10.13 5.60 -10.43
N TRP B 348 -11.46 5.56 -10.43
CA TRP B 348 -12.25 5.36 -11.63
C TRP B 348 -12.89 6.67 -12.06
N ASN B 349 -13.00 6.89 -13.36
CA ASN B 349 -13.60 8.11 -13.89
C ASN B 349 -14.18 7.86 -15.29
N VAL C 2 11.52 25.71 17.45
CA VAL C 2 12.10 25.75 16.11
C VAL C 2 13.06 26.92 16.00
N GLN C 3 14.34 26.62 15.79
CA GLN C 3 15.35 27.65 15.63
C GLN C 3 16.50 27.11 14.78
N LEU C 4 17.24 28.04 14.17
CA LEU C 4 18.42 27.72 13.38
C LEU C 4 19.53 28.69 13.77
N VAL C 5 20.62 28.16 14.31
CA VAL C 5 21.74 28.95 14.78
C VAL C 5 22.96 28.59 13.94
N GLU C 6 23.41 29.53 13.10
CA GLU C 6 24.55 29.29 12.22
C GLU C 6 25.84 29.53 12.96
N SER C 7 26.70 28.52 13.00
CA SER C 7 28.02 28.66 13.59
C SER C 7 29.03 29.09 12.54
N GLY C 8 30.26 29.38 12.99
CA GLY C 8 31.31 29.76 12.08
C GLY C 8 31.23 31.21 11.66
N GLY C 9 32.18 31.60 10.82
CA GLY C 9 32.19 32.95 10.31
C GLY C 9 33.20 33.83 11.05
N GLY C 10 33.66 34.87 10.36
CA GLY C 10 34.59 35.82 10.91
C GLY C 10 35.61 36.22 9.86
N LEU C 11 36.74 36.74 10.35
CA LEU C 11 37.80 37.19 9.46
C LEU C 11 38.45 36.02 8.74
N VAL C 12 38.83 36.23 7.48
CA VAL C 12 39.43 35.20 6.65
C VAL C 12 40.12 35.90 5.48
N GLN C 13 41.30 35.38 5.12
CA GLN C 13 42.02 35.84 3.94
C GLN C 13 41.33 35.32 2.67
N PRO C 14 41.55 35.99 1.52
CA PRO C 14 41.05 35.44 0.25
C PRO C 14 41.64 34.09 -0.10
N GLY C 15 42.88 33.81 0.30
CA GLY C 15 43.48 32.51 0.09
C GLY C 15 43.03 31.45 1.07
N GLY C 16 42.36 31.85 2.16
CA GLY C 16 41.89 30.93 3.16
C GLY C 16 40.61 30.23 2.76
N SER C 17 40.27 29.19 3.52
CA SER C 17 39.00 28.51 3.36
C SER C 17 38.37 28.22 4.70
N ARG C 18 37.07 28.48 4.81
CA ARG C 18 36.34 28.37 6.07
C ARG C 18 35.11 27.50 5.88
N LYS C 19 34.74 26.77 6.92
CA LYS C 19 33.58 25.88 6.91
C LYS C 19 32.44 26.52 7.71
N LEU C 20 31.25 26.55 7.11
CA LEU C 20 30.06 27.11 7.75
C LEU C 20 29.09 25.98 8.07
N SER C 21 28.56 26.00 9.30
CA SER C 21 27.57 25.01 9.71
C SER C 21 26.50 25.67 10.57
N CYS C 22 25.31 25.07 10.58
CA CYS C 22 24.19 25.56 11.38
C CYS C 22 23.60 24.43 12.19
N SER C 23 22.98 24.79 13.31
CA SER C 23 22.38 23.84 14.24
C SER C 23 20.86 23.87 14.09
N ALA C 24 20.26 22.73 13.79
CA ALA C 24 18.82 22.62 13.61
C ALA C 24 18.21 21.92 14.82
N SER C 25 17.12 22.49 15.35
CA SER C 25 16.44 21.90 16.49
C SER C 25 14.97 22.26 16.43
N GLY C 26 14.16 21.45 17.10
CA GLY C 26 12.74 21.70 17.22
C GLY C 26 11.88 21.19 16.08
N PHE C 27 12.45 20.48 15.11
CA PHE C 27 11.68 19.97 13.99
C PHE C 27 12.37 18.74 13.41
N ALA C 28 11.61 17.98 12.62
CA ALA C 28 12.10 16.76 12.00
C ALA C 28 13.01 17.15 10.84
N PHE C 29 14.31 17.24 11.14
CA PHE C 29 15.28 17.82 10.21
C PHE C 29 15.47 16.96 8.96
N SER C 30 15.29 15.64 9.08
CA SER C 30 15.53 14.76 7.94
C SER C 30 14.46 14.88 6.86
N SER C 31 13.25 15.33 7.21
CA SER C 31 12.17 15.46 6.25
C SER C 31 12.17 16.81 5.52
N PHE C 32 12.98 17.77 5.97
CA PHE C 32 13.00 19.11 5.39
C PHE C 32 14.21 19.27 4.48
N GLY C 33 13.98 19.78 3.28
CA GLY C 33 15.08 20.25 2.45
C GLY C 33 15.61 21.58 2.96
N MET C 34 16.91 21.79 2.74
CA MET C 34 17.60 22.94 3.31
C MET C 34 18.19 23.82 2.21
N HIS C 35 18.37 25.09 2.54
CA HIS C 35 18.93 26.07 1.63
C HIS C 35 19.95 26.92 2.36
N TRP C 36 20.84 27.53 1.59
CA TRP C 36 21.68 28.62 2.05
C TRP C 36 21.41 29.84 1.19
N VAL C 37 21.10 30.97 1.83
CA VAL C 37 20.79 32.21 1.13
C VAL C 37 21.75 33.28 1.64
N ARG C 38 22.41 33.97 0.71
CA ARG C 38 23.43 34.95 1.01
C ARG C 38 22.87 36.36 0.85
N GLN C 39 23.09 37.22 1.85
CA GLN C 39 22.66 38.61 1.81
C GLN C 39 23.90 39.50 1.83
N ALA C 40 24.19 40.13 0.69
CA ALA C 40 25.28 41.08 0.61
C ALA C 40 24.91 42.36 1.39
N PRO C 41 25.91 43.08 1.91
CA PRO C 41 25.63 44.33 2.64
C PRO C 41 25.02 45.39 1.73
N GLU C 42 23.83 45.86 2.12
CA GLU C 42 23.04 46.87 1.39
C GLU C 42 22.73 46.45 -0.03
N LYS C 43 22.48 45.15 -0.23
CA LYS C 43 22.09 44.60 -1.52
C LYS C 43 20.98 43.58 -1.30
N GLY C 44 20.51 42.98 -2.40
CA GLY C 44 19.45 42.00 -2.34
C GLY C 44 19.94 40.63 -1.89
N LEU C 45 18.98 39.74 -1.68
CA LEU C 45 19.26 38.38 -1.27
C LEU C 45 19.74 37.55 -2.45
N GLU C 46 20.65 36.62 -2.18
CA GLU C 46 21.23 35.76 -3.21
C GLU C 46 21.15 34.31 -2.76
N TRP C 47 20.68 33.44 -3.65
CA TRP C 47 20.60 32.01 -3.38
C TRP C 47 21.93 31.34 -3.69
N VAL C 48 22.32 30.37 -2.86
CA VAL C 48 23.61 29.71 -2.97
C VAL C 48 23.47 28.24 -3.34
N ALA C 49 22.78 27.45 -2.51
CA ALA C 49 22.74 26.01 -2.70
C ALA C 49 21.48 25.44 -2.07
N TYR C 50 21.28 24.13 -2.28
CA TYR C 50 20.08 23.43 -1.83
C TYR C 50 20.35 21.93 -1.79
N ILE C 51 19.86 21.28 -0.73
CA ILE C 51 19.86 19.83 -0.62
C ILE C 51 18.41 19.37 -0.44
N SER C 52 18.02 18.33 -1.19
CA SER C 52 16.72 17.72 -0.99
C SER C 52 16.74 16.81 0.24
N SER C 53 15.60 16.19 0.53
CA SER C 53 15.51 15.27 1.65
C SER C 53 16.23 13.96 1.32
N GLY C 54 17.08 13.50 2.24
CA GLY C 54 17.86 12.30 2.00
C GLY C 54 19.04 12.49 1.09
N SER C 55 19.45 13.74 0.83
CA SER C 55 20.61 14.10 0.00
C SER C 55 20.51 13.52 -1.41
N GLY C 56 19.31 13.55 -1.98
CA GLY C 56 19.09 13.02 -3.31
C GLY C 56 19.59 13.93 -4.42
N THR C 57 19.07 15.15 -4.48
CA THR C 57 19.44 16.12 -5.50
C THR C 57 20.04 17.35 -4.83
N ILE C 58 21.21 17.77 -5.32
CA ILE C 58 21.92 18.94 -4.82
C ILE C 58 22.10 19.92 -5.98
N TYR C 59 21.68 21.16 -5.78
CA TYR C 59 21.83 22.22 -6.75
C TYR C 59 22.71 23.33 -6.20
N TYR C 60 23.33 24.06 -7.12
CA TYR C 60 24.24 25.14 -6.76
C TYR C 60 23.95 26.37 -7.60
N ALA C 61 24.33 27.53 -7.06
CA ALA C 61 24.36 28.75 -7.85
C ALA C 61 25.53 28.71 -8.82
N ASP C 62 25.36 29.38 -9.97
CA ASP C 62 26.37 29.32 -11.03
C ASP C 62 27.64 30.07 -10.66
N THR C 63 27.54 31.09 -9.81
CA THR C 63 28.71 31.86 -9.43
C THR C 63 29.58 31.12 -8.42
N VAL C 64 28.99 30.23 -7.62
CA VAL C 64 29.71 29.52 -6.57
C VAL C 64 29.81 28.02 -6.86
N LYS C 65 29.48 27.60 -8.07
CA LYS C 65 29.53 26.18 -8.43
C LYS C 65 30.97 25.71 -8.54
N GLY C 66 31.26 24.57 -7.94
CA GLY C 66 32.62 24.03 -7.93
C GLY C 66 33.44 24.44 -6.73
N ARG C 67 33.42 25.71 -6.38
CA ARG C 67 34.17 26.19 -5.22
C ARG C 67 33.48 25.84 -3.92
N PHE C 68 32.16 25.69 -3.92
CA PHE C 68 31.37 25.50 -2.71
C PHE C 68 30.86 24.07 -2.64
N THR C 69 30.85 23.50 -1.45
CA THR C 69 30.33 22.16 -1.20
C THR C 69 29.36 22.23 -0.04
N ILE C 70 28.18 21.64 -0.21
CA ILE C 70 27.14 21.66 0.82
C ILE C 70 26.76 20.23 1.16
N SER C 71 26.65 19.93 2.46
CA SER C 71 26.36 18.59 2.91
C SER C 71 25.56 18.66 4.20
N ARG C 72 24.84 17.57 4.50
CA ARG C 72 24.02 17.50 5.70
C ARG C 72 24.22 16.14 6.35
N ASP C 73 23.98 16.10 7.67
CA ASP C 73 24.08 14.88 8.46
C ASP C 73 22.80 14.74 9.27
N ASP C 74 21.90 13.86 8.82
CA ASP C 74 20.59 13.71 9.45
C ASP C 74 20.61 13.20 10.90
N PRO C 75 21.41 12.20 11.31
CA PRO C 75 21.46 11.90 12.76
C PRO C 75 22.09 13.01 13.59
N LYS C 76 23.01 13.79 13.03
CA LYS C 76 23.63 14.88 13.76
C LYS C 76 22.73 16.10 13.88
N ASN C 77 21.74 16.22 12.98
CA ASN C 77 20.88 17.40 12.83
C ASN C 77 21.71 18.67 12.63
N THR C 78 22.74 18.56 11.79
CA THR C 78 23.64 19.67 11.48
C THR C 78 23.83 19.75 9.98
N LEU C 79 23.66 20.94 9.43
CA LEU C 79 23.80 21.20 8.00
C LEU C 79 25.08 21.97 7.75
N PHE C 80 25.91 21.48 6.83
CA PHE C 80 27.25 22.01 6.61
C PHE C 80 27.34 22.71 5.26
N LEU C 81 28.14 23.77 5.21
CA LEU C 81 28.56 24.40 3.97
C LEU C 81 30.07 24.50 3.97
N GLN C 82 30.71 23.94 2.95
CA GLN C 82 32.16 23.96 2.82
C GLN C 82 32.55 24.94 1.71
N MET C 83 33.35 25.94 2.08
CA MET C 83 33.76 26.99 1.15
C MET C 83 35.27 26.90 1.00
N THR C 84 35.72 26.63 -0.22
CA THR C 84 37.14 26.38 -0.47
C THR C 84 37.86 27.55 -1.10
N SER C 85 37.16 28.43 -1.81
CA SER C 85 37.77 29.58 -2.48
C SER C 85 36.90 30.80 -2.22
N LEU C 86 37.46 31.81 -1.58
CA LEU C 86 36.72 33.00 -1.19
C LEU C 86 37.29 34.22 -1.90
N ARG C 87 36.41 35.02 -2.49
CA ARG C 87 36.77 36.25 -3.16
C ARG C 87 36.45 37.43 -2.24
N SER C 88 36.59 38.64 -2.77
CA SER C 88 36.10 39.83 -2.07
C SER C 88 34.61 40.07 -2.29
N GLU C 89 33.96 39.26 -3.13
CA GLU C 89 32.51 39.33 -3.31
C GLU C 89 31.75 38.49 -2.29
N ASP C 90 32.39 37.48 -1.70
CA ASP C 90 31.72 36.54 -0.82
C ASP C 90 31.59 37.04 0.61
N THR C 91 32.10 38.23 0.92
CA THR C 91 31.93 38.82 2.25
C THR C 91 30.50 39.34 2.41
N ALA C 92 29.70 38.59 3.17
CA ALA C 92 28.26 38.82 3.26
C ALA C 92 27.70 38.00 4.42
N MET C 93 26.42 38.24 4.72
CA MET C 93 25.69 37.48 5.73
C MET C 93 25.00 36.27 5.09
N TYR C 94 25.14 35.11 5.72
CA TYR C 94 24.63 33.85 5.20
C TYR C 94 23.49 33.35 6.07
N TYR C 95 22.35 33.09 5.45
CA TYR C 95 21.17 32.57 6.15
C TYR C 95 20.89 31.13 5.72
N CYS C 96 20.29 30.37 6.63
CA CYS C 96 19.86 29.01 6.35
C CYS C 96 18.35 28.94 6.35
N VAL C 97 17.77 28.31 5.32
CA VAL C 97 16.33 28.23 5.13
C VAL C 97 15.94 26.76 5.03
N ARG C 98 14.87 26.38 5.73
CA ARG C 98 14.30 25.06 5.60
C ARG C 98 13.03 25.12 4.74
N SER C 99 12.76 24.03 4.03
CA SER C 99 11.62 23.97 3.12
C SER C 99 11.23 22.52 2.89
N ILE C 100 9.92 22.26 2.86
CA ILE C 100 9.38 20.94 2.55
C ILE C 100 8.44 21.09 1.36
N TYR C 101 8.38 20.05 0.53
CA TYR C 101 7.66 20.12 -0.74
C TYR C 101 6.69 18.95 -0.84
N TYR C 102 5.40 19.24 -0.67
CA TYR C 102 4.32 18.33 -1.04
C TYR C 102 3.14 19.17 -1.51
N TYR C 103 1.99 18.54 -1.68
CA TYR C 103 0.81 19.26 -2.13
C TYR C 103 0.26 20.11 -1.00
N GLY C 104 0.08 21.40 -1.27
CA GLY C 104 -0.37 22.33 -0.25
C GLY C 104 0.68 22.74 0.74
N SER C 105 1.95 22.44 0.49
CA SER C 105 3.02 22.78 1.41
C SER C 105 3.35 24.26 1.31
N SER C 106 4.07 24.74 2.32
CA SER C 106 4.54 26.13 2.39
C SER C 106 6.05 26.12 2.54
N PRO C 107 6.80 26.07 1.45
CA PRO C 107 8.27 26.10 1.56
C PRO C 107 8.77 27.49 1.93
N PHE C 108 10.04 27.53 2.32
CA PHE C 108 10.76 28.74 2.76
C PHE C 108 10.08 29.39 3.97
N ASP C 109 9.48 28.57 4.83
CA ASP C 109 8.65 29.10 5.91
C ASP C 109 9.44 29.52 7.14
N PHE C 110 10.70 29.14 7.25
CA PHE C 110 11.51 29.52 8.40
C PHE C 110 12.91 29.87 7.95
N TRP C 111 13.48 30.92 8.54
CA TRP C 111 14.79 31.43 8.18
C TRP C 111 15.68 31.48 9.41
N GLY C 112 16.97 31.22 9.20
CA GLY C 112 17.91 31.23 10.30
C GLY C 112 18.28 32.62 10.76
N GLN C 113 19.00 32.66 11.88
CA GLN C 113 19.44 33.94 12.44
C GLN C 113 20.46 34.64 11.56
N GLY C 114 21.43 33.89 11.04
CA GLY C 114 22.38 34.45 10.09
C GLY C 114 23.72 34.81 10.68
N THR C 115 24.78 34.25 10.12
CA THR C 115 26.14 34.56 10.52
C THR C 115 26.79 35.45 9.46
N THR C 116 27.78 36.22 9.90
CA THR C 116 28.49 37.14 9.01
C THR C 116 29.85 36.54 8.64
N LEU C 117 30.36 36.95 7.47
CA LEU C 117 31.67 36.55 7.01
C LEU C 117 32.41 37.78 6.51
N THR C 118 33.55 38.08 7.12
CA THR C 118 34.30 39.28 6.77
C THR C 118 35.63 38.92 6.10
N GLY C 135 22.95 33.89 -17.35
CA GLY C 135 22.69 33.74 -18.76
C GLY C 135 21.24 33.47 -19.09
N SER C 136 20.69 32.40 -18.51
CA SER C 136 19.31 32.00 -18.71
C SER C 136 18.56 31.98 -17.38
N ASP C 137 18.82 32.98 -16.53
CA ASP C 137 18.18 33.09 -15.23
C ASP C 137 17.11 34.16 -15.27
N ILE C 138 15.97 33.87 -14.64
CA ILE C 138 14.88 34.83 -14.58
C ILE C 138 15.24 35.95 -13.62
N VAL C 139 15.18 37.18 -14.11
CA VAL C 139 15.61 38.35 -13.36
C VAL C 139 14.40 38.99 -12.71
N MET C 140 14.47 39.19 -11.38
CA MET C 140 13.43 39.87 -10.63
C MET C 140 13.84 41.31 -10.37
N THR C 141 12.97 42.24 -10.75
CA THR C 141 13.23 43.67 -10.60
C THR C 141 12.10 44.33 -9.85
N GLN C 142 12.45 45.30 -9.01
CA GLN C 142 11.49 46.09 -8.25
C GLN C 142 11.41 47.48 -8.86
N ALA C 143 10.18 47.92 -9.15
CA ALA C 143 9.98 49.19 -9.85
C ALA C 143 10.29 50.40 -8.98
N THR C 144 10.19 50.27 -7.66
CA THR C 144 10.41 51.38 -6.74
C THR C 144 11.49 51.00 -5.75
N SER C 145 12.48 51.90 -5.58
CA SER C 145 13.54 51.67 -4.61
C SER C 145 13.08 51.91 -3.18
N SER C 146 12.31 52.99 -2.96
CA SER C 146 11.90 53.36 -1.60
C SER C 146 10.62 54.18 -1.67
N VAL C 147 9.57 53.71 -1.02
CA VAL C 147 8.30 54.42 -0.94
C VAL C 147 8.00 54.70 0.52
N PRO C 148 8.15 55.95 0.96
CA PRO C 148 7.77 56.31 2.34
C PRO C 148 6.25 56.34 2.46
N VAL C 149 5.72 55.52 3.36
CA VAL C 149 4.28 55.35 3.52
C VAL C 149 3.89 55.72 4.94
N THR C 150 2.92 56.62 5.07
CA THR C 150 2.31 56.90 6.36
C THR C 150 1.41 55.73 6.76
N PRO C 151 1.29 55.44 8.06
CA PRO C 151 0.44 54.32 8.50
C PRO C 151 -1.03 54.58 8.24
N GLY C 152 -1.75 53.50 7.91
CA GLY C 152 -3.16 53.55 7.64
C GLY C 152 -3.53 53.68 6.17
N GLU C 153 -2.55 53.84 5.28
CA GLU C 153 -2.81 54.02 3.86
C GLU C 153 -2.42 52.75 3.12
N SER C 154 -3.37 52.15 2.41
CA SER C 154 -3.13 50.91 1.70
C SER C 154 -2.28 51.15 0.45
N VAL C 155 -1.21 50.37 0.30
CA VAL C 155 -0.28 50.50 -0.82
C VAL C 155 -0.10 49.14 -1.47
N SER C 156 0.40 49.16 -2.70
CA SER C 156 0.71 47.96 -3.46
C SER C 156 2.18 47.99 -3.87
N ILE C 157 2.88 46.88 -3.61
CA ILE C 157 4.29 46.74 -3.95
C ILE C 157 4.40 45.86 -5.19
N SER C 158 5.00 46.41 -6.24
CA SER C 158 5.01 45.77 -7.56
C SER C 158 6.31 45.00 -7.77
N CYS C 159 6.18 43.75 -8.23
CA CYS C 159 7.31 42.92 -8.61
C CYS C 159 7.16 42.53 -10.07
N ARG C 160 8.18 42.78 -10.86
CA ARG C 160 8.15 42.53 -12.30
C ARG C 160 9.13 41.42 -12.66
N SER C 161 8.65 40.46 -13.46
CA SER C 161 9.45 39.32 -13.88
C SER C 161 9.67 39.36 -15.38
N SER C 162 10.67 38.60 -15.84
CA SER C 162 10.96 38.48 -17.26
C SER C 162 10.16 37.34 -17.89
N LYS C 163 10.29 36.13 -17.33
CA LYS C 163 9.56 34.97 -17.80
C LYS C 163 8.29 34.78 -16.98
N SER C 164 7.24 34.29 -17.64
CA SER C 164 5.98 34.03 -16.95
C SER C 164 6.12 32.86 -15.99
N LEU C 165 5.63 33.04 -14.76
CA LEU C 165 5.75 32.05 -13.71
C LEU C 165 4.58 31.08 -13.66
N LEU C 166 3.58 31.25 -14.52
CA LEU C 166 2.45 30.32 -14.54
C LEU C 166 2.88 29.00 -15.16
N HIS C 167 2.67 27.91 -14.42
CA HIS C 167 3.05 26.58 -14.84
C HIS C 167 1.82 25.82 -15.35
N SER C 168 2.08 24.66 -15.96
CA SER C 168 1.00 23.88 -16.55
C SER C 168 0.07 23.27 -15.49
N ASN C 169 0.58 23.00 -14.29
CA ASN C 169 -0.27 22.45 -13.24
C ASN C 169 -1.13 23.51 -12.56
N GLY C 170 -0.88 24.79 -12.81
CA GLY C 170 -1.85 25.82 -12.52
C GLY C 170 -1.55 26.76 -11.36
N ASN C 171 -0.38 26.68 -10.75
CA ASN C 171 -0.02 27.57 -9.65
C ASN C 171 1.24 28.35 -10.01
N THR C 172 1.19 29.67 -9.80
CA THR C 172 2.34 30.53 -10.05
C THR C 172 3.29 30.48 -8.85
N TYR C 173 4.58 30.32 -9.12
CA TYR C 173 5.58 30.13 -8.07
C TYR C 173 6.27 31.46 -7.79
N LEU C 174 5.65 32.27 -6.95
CA LEU C 174 6.27 33.49 -6.45
C LEU C 174 6.10 33.58 -4.94
N TYR C 175 7.15 34.01 -4.26
CA TYR C 175 7.22 34.03 -2.81
C TYR C 175 7.55 35.45 -2.36
N TRP C 176 6.80 35.94 -1.36
CA TRP C 176 7.00 37.26 -0.81
C TRP C 176 7.68 37.16 0.54
N PHE C 177 8.70 37.99 0.76
CA PHE C 177 9.47 37.97 1.99
C PHE C 177 9.54 39.38 2.57
N LEU C 178 9.63 39.46 3.89
CA LEU C 178 9.72 40.74 4.60
C LEU C 178 11.01 40.78 5.38
N GLN C 179 11.85 41.77 5.10
CA GLN C 179 13.08 42.01 5.84
C GLN C 179 12.82 43.12 6.85
N ARG C 180 12.50 42.73 8.08
CA ARG C 180 12.45 43.70 9.16
C ARG C 180 13.88 44.15 9.49
N PRO C 181 14.08 45.43 9.80
CA PRO C 181 15.43 45.91 10.13
C PRO C 181 15.97 45.28 11.42
N GLY C 182 17.11 44.60 11.29
CA GLY C 182 17.79 44.00 12.42
C GLY C 182 17.47 42.55 12.68
N GLN C 183 16.53 41.94 11.96
CA GLN C 183 16.15 40.56 12.19
C GLN C 183 16.23 39.77 10.88
N SER C 184 15.86 38.49 10.97
CA SER C 184 15.87 37.59 9.84
C SER C 184 14.69 37.89 8.90
N PRO C 185 14.77 37.44 7.65
CA PRO C 185 13.60 37.53 6.76
C PRO C 185 12.47 36.62 7.24
N GLN C 186 11.24 37.03 6.91
CA GLN C 186 10.05 36.29 7.27
C GLN C 186 9.19 36.07 6.03
N LEU C 187 8.69 34.85 5.85
CA LEU C 187 7.82 34.55 4.74
C LEU C 187 6.40 35.02 5.04
N LEU C 188 5.85 35.86 4.16
CA LEU C 188 4.48 36.31 4.28
C LEU C 188 3.53 35.52 3.38
N ILE C 189 3.84 35.45 2.10
CA ILE C 189 3.00 34.81 1.09
C ILE C 189 3.88 33.86 0.29
N TYR C 190 3.49 32.58 0.25
CA TYR C 190 4.33 31.58 -0.39
C TYR C 190 3.93 31.28 -1.83
N ARG C 191 2.63 31.33 -2.15
CA ARG C 191 2.17 31.33 -3.53
C ARG C 191 1.03 32.34 -3.65
N MET C 192 0.72 32.70 -4.90
CA MET C 192 -0.35 33.67 -5.15
C MET C 192 -1.71 33.12 -4.72
N SER C 193 -2.50 34.01 -4.11
CA SER C 193 -3.76 33.67 -3.41
C SER C 193 -3.53 32.62 -2.32
N ASN C 194 -2.41 32.75 -1.60
CA ASN C 194 -2.14 31.94 -0.42
C ASN C 194 -1.47 32.81 0.64
N LEU C 195 -1.62 32.41 1.89
CA LEU C 195 -1.05 33.15 3.01
C LEU C 195 -0.42 32.19 3.99
N ALA C 196 0.77 32.53 4.47
CA ALA C 196 1.52 31.68 5.38
C ALA C 196 0.94 31.75 6.80
N SER C 197 1.34 30.78 7.61
CA SER C 197 0.90 30.73 9.00
C SER C 197 1.67 31.73 9.85
N GLY C 198 0.99 32.30 10.84
CA GLY C 198 1.56 33.31 11.69
C GLY C 198 1.56 34.70 11.11
N VAL C 199 1.00 34.89 9.92
CA VAL C 199 0.94 36.19 9.26
C VAL C 199 -0.49 36.71 9.39
N PRO C 200 -0.69 37.99 9.75
CA PRO C 200 -2.04 38.53 9.85
C PRO C 200 -2.71 38.64 8.49
N ASP C 201 -4.03 38.86 8.54
CA ASP C 201 -4.86 38.85 7.33
C ASP C 201 -4.78 40.16 6.54
N ARG C 202 -4.01 41.14 7.01
CA ARG C 202 -3.85 42.38 6.26
C ARG C 202 -2.97 42.21 5.03
N PHE C 203 -2.20 41.11 4.95
CA PHE C 203 -1.34 40.84 3.80
C PHE C 203 -2.12 40.03 2.78
N SER C 204 -2.26 40.56 1.57
CA SER C 204 -2.98 39.89 0.50
C SER C 204 -2.26 40.12 -0.82
N GLY C 205 -2.16 39.07 -1.63
CA GLY C 205 -1.43 39.14 -2.87
C GLY C 205 -2.26 38.66 -4.05
N SER C 206 -2.03 39.28 -5.20
CA SER C 206 -2.66 38.91 -6.45
C SER C 206 -1.59 38.83 -7.53
N GLY C 207 -1.83 37.97 -8.52
CA GLY C 207 -0.84 37.69 -9.53
C GLY C 207 -1.43 37.73 -10.94
N SER C 208 -0.53 37.76 -11.91
CA SER C 208 -0.90 37.76 -13.32
C SER C 208 0.15 36.93 -14.06
N GLY C 209 0.14 37.03 -15.39
CA GLY C 209 1.12 36.32 -16.19
C GLY C 209 2.54 36.84 -16.02
N THR C 210 2.70 38.16 -15.98
CA THR C 210 4.01 38.78 -15.91
C THR C 210 4.19 39.64 -14.67
N ALA C 211 3.23 40.51 -14.36
CA ALA C 211 3.35 41.46 -13.26
C ALA C 211 2.66 40.90 -12.01
N PHE C 212 3.35 41.00 -10.89
CA PHE C 212 2.84 40.50 -9.61
C PHE C 212 2.87 41.63 -8.59
N THR C 213 1.88 41.65 -7.70
CA THR C 213 1.77 42.71 -6.72
C THR C 213 1.33 42.15 -5.37
N LEU C 214 1.72 42.84 -4.30
CA LEU C 214 1.31 42.52 -2.94
C LEU C 214 0.55 43.72 -2.40
N THR C 215 -0.70 43.50 -2.00
CA THR C 215 -1.60 44.56 -1.58
C THR C 215 -1.86 44.46 -0.09
N ILE C 216 -1.23 45.34 0.69
CA ILE C 216 -1.47 45.44 2.11
C ILE C 216 -2.49 46.55 2.35
N SER C 217 -3.24 46.43 3.45
CA SER C 217 -4.31 47.37 3.76
C SER C 217 -3.98 48.24 4.97
N ARG C 218 -3.68 47.64 6.11
CA ARG C 218 -3.31 48.37 7.31
C ARG C 218 -1.80 48.35 7.48
N LEU C 219 -1.26 49.41 8.08
CA LEU C 219 0.16 49.53 8.36
C LEU C 219 0.38 49.74 9.85
N GLU C 220 1.39 49.07 10.38
CA GLU C 220 1.79 49.23 11.77
C GLU C 220 3.30 49.45 11.85
N ALA C 221 3.84 49.49 13.07
CA ALA C 221 5.29 49.62 13.22
C ALA C 221 6.04 48.36 12.84
N GLU C 222 5.38 47.21 12.89
CA GLU C 222 6.01 45.94 12.53
C GLU C 222 6.02 45.67 11.04
N ASP C 223 5.28 46.45 10.25
CA ASP C 223 5.16 46.22 8.81
C ASP C 223 6.19 46.99 8.00
N VAL C 224 7.02 47.81 8.63
CA VAL C 224 8.04 48.57 7.91
C VAL C 224 9.25 47.67 7.66
N GLY C 225 9.89 47.87 6.52
CA GLY C 225 11.06 47.10 6.16
C GLY C 225 11.22 47.03 4.66
N VAL C 226 11.94 45.99 4.23
CA VAL C 226 12.26 45.77 2.82
C VAL C 226 11.54 44.50 2.36
N TYR C 227 10.91 44.56 1.19
CA TYR C 227 10.11 43.47 0.66
C TYR C 227 10.82 42.86 -0.54
N TYR C 228 11.00 41.54 -0.52
CA TYR C 228 11.70 40.82 -1.57
C TYR C 228 10.75 39.79 -2.18
N CYS C 229 10.63 39.83 -3.51
CA CYS C 229 9.92 38.79 -4.23
C CYS C 229 10.92 37.75 -4.78
N MET C 230 10.57 36.48 -4.62
CA MET C 230 11.41 35.38 -5.04
C MET C 230 10.60 34.45 -5.93
N GLN C 231 11.28 33.80 -6.87
CA GLN C 231 10.66 32.81 -7.74
C GLN C 231 11.18 31.42 -7.42
N HIS C 232 10.33 30.42 -7.66
CA HIS C 232 10.66 29.02 -7.43
C HIS C 232 10.30 28.16 -8.64
N LEU C 233 10.19 28.77 -9.82
CA LEU C 233 9.81 28.02 -11.01
C LEU C 233 10.95 27.14 -11.50
N GLU C 234 12.19 27.65 -11.48
CA GLU C 234 13.34 26.91 -11.99
C GLU C 234 14.59 27.42 -11.30
N TYR C 235 15.47 26.49 -10.94
CA TYR C 235 16.77 26.85 -10.37
C TYR C 235 17.63 27.52 -11.44
N PRO C 236 18.45 28.51 -11.08
CA PRO C 236 18.68 29.09 -9.73
C PRO C 236 17.61 30.09 -9.30
N LEU C 237 17.33 30.15 -8.01
CA LEU C 237 16.33 31.06 -7.47
C LEU C 237 16.90 32.46 -7.37
N THR C 238 16.15 33.45 -7.85
CA THR C 238 16.57 34.84 -7.86
C THR C 238 15.60 35.69 -7.07
N PHE C 239 16.14 36.61 -6.28
CA PHE C 239 15.35 37.47 -5.42
C PHE C 239 15.14 38.83 -6.06
N GLY C 240 14.26 39.62 -5.48
CA GLY C 240 14.02 40.96 -5.95
C GLY C 240 15.07 41.94 -5.48
N ALA C 241 15.11 43.09 -6.15
CA ALA C 241 16.07 44.14 -5.82
C ALA C 241 15.88 44.65 -4.39
N GLY C 242 14.64 44.93 -4.02
CA GLY C 242 14.34 45.42 -2.69
C GLY C 242 13.50 46.67 -2.71
N THR C 243 12.31 46.62 -2.09
CA THR C 243 11.41 47.76 -2.01
C THR C 243 11.37 48.21 -0.55
N LYS C 244 12.18 49.23 -0.24
CA LYS C 244 12.26 49.73 1.14
C LYS C 244 11.05 50.58 1.47
N LEU C 245 10.58 50.47 2.71
CA LEU C 245 9.53 51.33 3.24
C LEU C 245 10.10 52.16 4.38
N GLU C 246 9.60 53.39 4.51
CA GLU C 246 10.06 54.31 5.53
C GLU C 246 8.88 54.88 6.28
N LEU C 247 9.17 55.49 7.42
CA LEU C 247 8.13 56.04 8.28
C LEU C 247 8.28 57.56 8.43
N ILE D 8 -37.64 -6.09 32.92
CA ILE D 8 -38.41 -4.98 33.49
C ILE D 8 -37.84 -3.65 33.00
N ALA D 9 -36.65 -3.70 32.40
CA ALA D 9 -36.03 -2.48 31.89
C ALA D 9 -36.69 -1.98 30.61
N GLN D 10 -37.34 -2.86 29.86
CA GLN D 10 -38.01 -2.45 28.63
C GLN D 10 -39.32 -1.75 28.90
N ALA D 11 -39.88 -1.87 30.10
CA ALA D 11 -41.08 -1.13 30.44
C ALA D 11 -40.80 0.35 30.64
N ARG D 12 -39.59 0.69 31.09
CA ARG D 12 -39.25 2.09 31.33
C ARG D 12 -38.81 2.80 30.06
N LYS D 13 -38.09 2.10 29.17
CA LYS D 13 -37.49 2.73 28.00
C LYS D 13 -38.24 2.43 26.71
N LEU D 14 -38.48 1.15 26.41
CA LEU D 14 -38.98 0.75 25.10
C LEU D 14 -40.45 1.10 24.89
N VAL D 15 -41.20 1.39 25.96
CA VAL D 15 -42.63 1.64 25.83
C VAL D 15 -42.88 3.01 25.20
N GLU D 16 -42.33 4.06 25.80
CA GLU D 16 -42.57 5.40 25.30
C GLU D 16 -41.63 5.81 24.17
N GLN D 17 -40.63 4.99 23.86
CA GLN D 17 -39.72 5.30 22.75
C GLN D 17 -40.42 5.14 21.41
N LEU D 18 -41.18 4.06 21.24
CA LEU D 18 -41.81 3.80 19.95
C LEU D 18 -43.04 4.67 19.70
N LYS D 19 -43.73 5.10 20.76
CA LYS D 19 -44.88 5.98 20.56
C LYS D 19 -44.47 7.40 20.21
N MET D 20 -43.25 7.81 20.56
CA MET D 20 -42.73 9.08 20.08
C MET D 20 -42.35 8.98 18.60
N GLU D 21 -42.01 7.78 18.14
CA GLU D 21 -41.84 7.55 16.71
C GLU D 21 -43.17 7.40 15.99
N ALA D 22 -44.25 7.08 16.72
CA ALA D 22 -45.56 6.89 16.10
C ALA D 22 -46.21 8.21 15.72
N ASN D 23 -46.14 9.21 16.59
CA ASN D 23 -46.88 10.46 16.39
C ASN D 23 -46.05 11.51 15.65
N ILE D 24 -45.51 11.13 14.50
CA ILE D 24 -44.81 12.05 13.62
C ILE D 24 -45.56 12.11 12.30
N ASP D 25 -45.45 13.24 11.62
CA ASP D 25 -46.13 13.42 10.35
C ASP D 25 -45.38 12.74 9.20
N ARG D 26 -46.13 12.15 8.29
CA ARG D 26 -45.57 11.48 7.12
C ARG D 26 -46.29 11.99 5.88
N ILE D 27 -45.52 12.31 4.84
CA ILE D 27 -46.08 12.69 3.57
C ILE D 27 -46.24 11.44 2.71
N LYS D 28 -47.07 11.55 1.68
CA LYS D 28 -47.32 10.42 0.78
C LYS D 28 -46.06 10.09 -0.02
N VAL D 29 -45.86 8.79 -0.27
CA VAL D 29 -44.64 8.34 -0.92
C VAL D 29 -44.63 8.69 -2.41
N SER D 30 -45.81 8.98 -3.00
CA SER D 30 -45.83 9.51 -4.36
C SER D 30 -45.24 10.91 -4.41
N LYS D 31 -45.52 11.73 -3.40
CA LYS D 31 -44.89 13.04 -3.29
C LYS D 31 -43.47 12.94 -2.76
N ALA D 32 -43.20 11.95 -1.89
CA ALA D 32 -41.88 11.83 -1.28
C ALA D 32 -40.84 11.33 -2.29
N ALA D 33 -41.23 10.42 -3.18
CA ALA D 33 -40.33 9.96 -4.22
C ALA D 33 -40.26 10.92 -5.40
N ALA D 34 -41.19 11.86 -5.51
CA ALA D 34 -41.11 12.87 -6.55
C ALA D 34 -39.99 13.86 -6.29
N ASP D 35 -39.69 14.12 -5.02
CA ASP D 35 -38.56 14.99 -4.69
C ASP D 35 -37.23 14.31 -5.00
N LEU D 36 -37.16 12.99 -4.85
CA LEU D 36 -35.96 12.24 -5.24
C LEU D 36 -35.77 12.25 -6.75
N MET D 37 -36.88 12.15 -7.49
CA MET D 37 -36.81 12.21 -8.95
C MET D 37 -36.43 13.60 -9.43
N ALA D 38 -37.01 14.65 -8.82
CA ALA D 38 -36.75 16.01 -9.26
C ALA D 38 -35.38 16.52 -8.86
N TYR D 39 -34.76 15.92 -7.83
CA TYR D 39 -33.43 16.35 -7.44
C TYR D 39 -32.37 15.88 -8.44
N CYS D 40 -32.55 14.67 -8.98
CA CYS D 40 -31.58 14.15 -9.94
C CYS D 40 -31.70 14.85 -11.29
N GLU D 41 -32.90 15.27 -11.67
CA GLU D 41 -33.08 15.99 -12.93
C GLU D 41 -32.51 17.40 -12.85
N ALA D 42 -32.53 18.01 -11.66
CA ALA D 42 -32.01 19.37 -11.51
C ALA D 42 -30.49 19.39 -11.53
N HIS D 43 -29.84 18.30 -11.14
CA HIS D 43 -28.39 18.22 -11.07
C HIS D 43 -27.80 17.25 -12.09
N ALA D 44 -28.56 16.90 -13.13
CA ALA D 44 -28.07 15.95 -14.13
C ALA D 44 -26.99 16.56 -15.00
N LYS D 45 -26.98 17.88 -15.17
CA LYS D 45 -25.96 18.54 -15.97
C LYS D 45 -24.65 18.75 -15.21
N GLU D 46 -24.68 18.62 -13.88
CA GLU D 46 -23.51 18.88 -13.05
C GLU D 46 -22.87 17.61 -12.50
N ASP D 47 -23.28 16.44 -12.99
CA ASP D 47 -22.69 15.19 -12.55
C ASP D 47 -21.76 14.65 -13.62
N PRO D 48 -20.44 14.63 -13.39
CA PRO D 48 -19.52 14.17 -14.42
C PRO D 48 -19.54 12.66 -14.64
N LEU D 49 -20.07 11.88 -13.68
CA LEU D 49 -20.11 10.44 -13.84
C LEU D 49 -21.19 9.96 -14.79
N LEU D 50 -22.20 10.78 -15.05
CA LEU D 50 -23.25 10.43 -16.02
C LEU D 50 -22.87 10.83 -17.44
N THR D 51 -22.38 12.06 -17.62
CA THR D 51 -21.97 12.56 -18.92
C THR D 51 -20.46 12.67 -18.96
N PRO D 52 -19.77 11.97 -19.87
CA PRO D 52 -18.30 12.03 -19.89
C PRO D 52 -17.81 13.39 -20.38
N VAL D 53 -17.11 14.10 -19.51
CA VAL D 53 -16.57 15.42 -19.81
C VAL D 53 -15.40 15.27 -20.77
N PRO D 54 -15.09 16.29 -21.58
CA PRO D 54 -13.88 16.22 -22.41
C PRO D 54 -12.61 16.30 -21.55
N ALA D 55 -11.51 15.86 -22.16
CA ALA D 55 -10.25 15.67 -21.44
C ALA D 55 -9.51 16.97 -21.15
N SER D 56 -10.00 18.10 -21.66
CA SER D 56 -9.33 19.37 -21.40
C SER D 56 -9.44 19.79 -19.93
N GLU D 57 -10.65 19.73 -19.38
CA GLU D 57 -10.86 20.06 -17.97
C GLU D 57 -10.82 18.84 -17.07
N ASN D 58 -10.73 17.64 -17.64
CA ASN D 58 -10.69 16.41 -16.85
C ASN D 58 -9.30 16.23 -16.24
N PRO D 59 -9.17 16.16 -14.91
CA PRO D 59 -7.86 15.91 -14.30
C PRO D 59 -7.45 14.44 -14.24
N PHE D 60 -8.24 13.54 -14.84
CA PHE D 60 -7.92 12.13 -14.80
C PHE D 60 -7.97 11.51 -16.20
N SER E 46 21.82 -24.05 -49.94
CA SER E 46 21.58 -23.86 -48.51
C SER E 46 20.12 -24.16 -48.16
N LEU E 47 19.67 -25.36 -48.53
CA LEU E 47 18.29 -25.77 -48.25
C LEU E 47 18.05 -26.06 -46.77
N ALA E 48 19.10 -26.24 -45.98
CA ALA E 48 18.98 -26.48 -44.55
C ALA E 48 19.19 -25.22 -43.72
N ASN E 49 20.13 -24.35 -44.13
CA ASN E 49 20.43 -23.14 -43.38
C ASN E 49 19.24 -22.18 -43.33
N VAL E 50 18.39 -22.20 -44.36
CA VAL E 50 17.25 -21.28 -44.42
C VAL E 50 16.23 -21.59 -43.34
N THR E 51 15.89 -22.87 -43.14
CA THR E 51 14.96 -23.25 -42.08
C THR E 51 15.53 -23.07 -40.68
N TYR E 52 16.86 -23.01 -40.55
CA TYR E 52 17.46 -22.76 -39.25
C TYR E 52 17.25 -21.31 -38.82
N ILE E 53 17.58 -20.37 -39.71
CA ILE E 53 17.56 -18.93 -39.42
C ILE E 53 16.15 -18.48 -39.02
N THR E 54 15.13 -18.95 -39.75
CA THR E 54 13.75 -18.56 -39.47
C THR E 54 13.27 -19.08 -38.12
N MET E 55 13.60 -20.35 -37.78
CA MET E 55 13.16 -20.94 -36.53
C MET E 55 13.87 -20.31 -35.32
N GLU E 56 15.06 -19.72 -35.54
CA GLU E 56 15.77 -19.02 -34.46
C GLU E 56 15.03 -17.77 -34.02
N ILE E 57 14.24 -17.18 -34.90
CA ILE E 57 13.54 -15.94 -34.57
C ILE E 57 12.26 -16.24 -33.80
N PHE E 58 11.53 -17.29 -34.20
CA PHE E 58 10.26 -17.62 -33.55
C PHE E 58 10.47 -18.11 -32.12
N ILE E 59 11.40 -19.04 -31.93
CA ILE E 59 11.87 -19.40 -30.58
C ILE E 59 12.41 -18.16 -29.86
N GLY E 60 13.29 -17.42 -30.53
CA GLY E 60 13.76 -16.11 -30.12
C GLY E 60 12.75 -15.10 -29.62
N LEU E 61 11.59 -15.01 -30.29
CA LEU E 61 10.56 -14.07 -29.87
C LEU E 61 9.53 -14.67 -28.94
N CYS E 62 9.42 -15.99 -28.87
CA CYS E 62 8.77 -16.63 -27.72
C CYS E 62 9.48 -16.29 -26.42
N ALA E 63 10.82 -16.31 -26.45
CA ALA E 63 11.62 -16.03 -25.26
C ALA E 63 11.44 -14.59 -24.76
N ILE E 64 11.62 -13.60 -25.64
CA ILE E 64 11.65 -12.20 -25.23
C ILE E 64 10.29 -11.67 -24.76
N VAL E 65 9.17 -12.27 -25.15
CA VAL E 65 7.88 -11.78 -24.67
C VAL E 65 7.67 -12.16 -23.19
N GLY E 66 7.89 -13.44 -22.84
CA GLY E 66 7.65 -13.90 -21.47
C GLY E 66 8.50 -13.20 -20.42
N ASN E 67 9.79 -13.00 -20.71
CA ASN E 67 10.70 -12.44 -19.71
C ASN E 67 10.42 -10.97 -19.44
N VAL E 68 10.04 -10.20 -20.47
CA VAL E 68 9.66 -8.81 -20.28
C VAL E 68 8.40 -8.70 -19.43
N LEU E 69 7.42 -9.58 -19.70
CA LEU E 69 6.20 -9.70 -18.90
C LEU E 69 6.51 -9.88 -17.41
N VAL E 70 7.47 -10.76 -17.10
CA VAL E 70 7.81 -11.10 -15.71
C VAL E 70 8.33 -9.86 -14.97
N ILE E 71 9.24 -9.12 -15.61
CA ILE E 71 9.86 -7.92 -15.01
C ILE E 71 8.80 -6.88 -14.67
N CYS E 72 7.75 -6.77 -15.48
CA CYS E 72 6.67 -5.83 -15.19
C CYS E 72 5.83 -6.31 -14.00
N VAL E 73 5.47 -7.60 -13.99
CA VAL E 73 4.64 -8.21 -12.93
C VAL E 73 5.25 -7.98 -11.55
N VAL E 74 6.57 -8.14 -11.43
CA VAL E 74 7.28 -7.83 -10.19
C VAL E 74 7.13 -6.36 -9.83
N LYS E 75 7.31 -5.46 -10.81
CA LYS E 75 7.21 -4.04 -10.53
C LYS E 75 5.77 -3.58 -10.31
N LEU E 76 4.78 -4.29 -10.83
CA LEU E 76 3.40 -3.88 -10.58
C LEU E 76 2.91 -4.30 -9.19
N ASN E 77 3.37 -5.44 -8.69
CA ASN E 77 2.91 -5.94 -7.40
C ASN E 77 4.02 -5.80 -6.37
N PRO E 78 3.91 -4.87 -5.40
CA PRO E 78 4.94 -4.77 -4.37
C PRO E 78 4.93 -5.90 -3.36
N SER E 79 3.89 -6.72 -3.31
CA SER E 79 3.91 -7.92 -2.49
C SER E 79 4.86 -8.96 -3.07
N LEU E 80 5.07 -8.93 -4.39
CA LEU E 80 5.99 -9.81 -5.07
C LEU E 80 7.43 -9.30 -5.04
N GLN E 81 7.68 -8.11 -4.52
CA GLN E 81 9.04 -7.59 -4.42
C GLN E 81 9.65 -8.07 -3.10
N THR E 82 10.04 -9.34 -3.10
CA THR E 82 10.60 -9.99 -1.91
C THR E 82 11.87 -10.74 -2.32
N THR E 83 12.30 -11.66 -1.45
CA THR E 83 13.49 -12.48 -1.70
C THR E 83 13.27 -13.46 -2.85
N THR E 84 12.20 -14.26 -2.77
CA THR E 84 11.85 -15.31 -3.74
C THR E 84 11.92 -14.84 -5.20
N PHE E 85 11.30 -13.71 -5.50
CA PHE E 85 11.20 -13.22 -6.87
C PHE E 85 12.45 -12.51 -7.38
N TYR E 86 13.40 -12.15 -6.50
CA TYR E 86 14.66 -11.55 -6.95
C TYR E 86 15.38 -12.44 -7.94
N PHE E 87 15.51 -13.74 -7.63
CA PHE E 87 16.27 -14.65 -8.47
C PHE E 87 15.60 -14.86 -9.82
N ILE E 88 14.26 -14.79 -9.84
CA ILE E 88 13.49 -14.89 -11.08
C ILE E 88 13.73 -13.67 -11.97
N VAL E 89 14.01 -12.51 -11.37
CA VAL E 89 14.36 -11.32 -12.15
C VAL E 89 15.73 -11.49 -12.81
N SER E 90 16.67 -12.11 -12.10
CA SER E 90 18.02 -12.31 -12.66
C SER E 90 18.00 -13.33 -13.79
N LEU E 91 17.15 -14.34 -13.68
CA LEU E 91 16.95 -15.27 -14.79
C LEU E 91 16.23 -14.61 -15.95
N ALA E 92 15.29 -13.70 -15.67
CA ALA E 92 14.56 -13.04 -16.74
C ALA E 92 15.45 -12.04 -17.49
N LEU E 93 16.29 -11.30 -16.76
CA LEU E 93 17.18 -10.33 -17.42
C LEU E 93 18.26 -11.00 -18.25
N ALA E 94 18.73 -12.17 -17.82
CA ALA E 94 19.71 -12.91 -18.61
C ALA E 94 19.09 -13.45 -19.89
N ASP E 95 17.80 -13.79 -19.88
CA ASP E 95 17.12 -14.25 -21.07
C ASP E 95 16.66 -13.12 -21.99
N ILE E 96 16.50 -11.91 -21.47
CA ILE E 96 16.27 -10.75 -22.32
C ILE E 96 17.53 -10.45 -23.14
N ALA E 97 18.71 -10.58 -22.53
CA ALA E 97 19.96 -10.33 -23.23
C ALA E 97 20.22 -11.38 -24.31
N VAL E 98 19.66 -12.57 -24.17
CA VAL E 98 19.67 -13.55 -25.25
C VAL E 98 18.82 -13.07 -26.42
N GLY E 99 17.67 -12.47 -26.13
CA GLY E 99 16.75 -12.07 -27.18
C GLY E 99 17.23 -10.88 -28.00
N VAL E 100 17.90 -9.92 -27.36
CA VAL E 100 18.30 -8.71 -28.09
C VAL E 100 19.74 -8.74 -28.60
N LEU E 101 20.64 -9.48 -27.93
CA LEU E 101 22.02 -9.61 -28.39
C LEU E 101 22.32 -10.95 -29.09
N VAL E 102 22.15 -12.06 -28.38
CA VAL E 102 22.47 -13.40 -28.92
C VAL E 102 21.72 -13.69 -30.23
N MET E 103 20.39 -13.50 -30.25
CA MET E 103 19.60 -13.80 -31.45
C MET E 103 19.98 -13.05 -32.75
N PRO E 104 20.31 -11.74 -32.76
CA PRO E 104 20.92 -11.20 -33.99
C PRO E 104 22.29 -11.76 -34.30
N LEU E 105 23.15 -11.98 -33.29
CA LEU E 105 24.52 -12.38 -33.58
C LEU E 105 24.63 -13.85 -33.95
N ALA E 106 23.62 -14.67 -33.61
CA ALA E 106 23.70 -16.09 -33.90
C ALA E 106 23.47 -16.39 -35.37
N ILE E 107 22.90 -15.43 -36.10
CA ILE E 107 22.62 -15.56 -37.52
C ILE E 107 23.82 -15.10 -38.34
N VAL E 108 24.51 -14.07 -37.82
CA VAL E 108 25.67 -13.46 -38.48
C VAL E 108 26.76 -14.50 -38.74
N VAL E 109 27.10 -15.30 -37.72
CA VAL E 109 28.11 -16.34 -37.89
C VAL E 109 27.62 -17.51 -38.73
N SER E 110 26.30 -17.65 -38.95
CA SER E 110 25.80 -18.68 -39.83
C SER E 110 25.98 -18.36 -41.31
N LEU E 111 26.08 -17.09 -41.69
CA LEU E 111 26.28 -16.74 -43.09
C LEU E 111 27.73 -16.60 -43.51
N GLY E 112 28.67 -16.52 -42.57
CA GLY E 112 30.07 -16.53 -42.95
C GLY E 112 30.63 -15.25 -43.54
N ILE E 113 29.94 -14.12 -43.35
CA ILE E 113 30.33 -12.80 -43.88
C ILE E 113 31.80 -12.49 -43.58
N THR E 114 32.50 -11.99 -44.61
CA THR E 114 33.92 -11.69 -44.52
C THR E 114 34.14 -10.40 -43.71
N ILE E 115 34.61 -10.57 -42.47
CA ILE E 115 34.82 -9.48 -41.52
C ILE E 115 36.16 -9.70 -40.83
N HIS E 116 36.58 -8.70 -40.06
CA HIS E 116 37.85 -8.74 -39.35
C HIS E 116 37.85 -9.85 -38.29
N PHE E 117 39.06 -10.35 -37.99
CA PHE E 117 39.21 -11.46 -37.04
C PHE E 117 38.76 -11.06 -35.64
N TYR E 118 39.18 -9.88 -35.18
CA TYR E 118 38.82 -9.44 -33.83
C TYR E 118 37.37 -8.99 -33.74
N SER E 119 36.77 -8.58 -34.87
CA SER E 119 35.35 -8.31 -34.89
C SER E 119 34.53 -9.59 -34.82
N CYS E 120 34.98 -10.65 -35.49
CA CYS E 120 34.24 -11.92 -35.47
C CYS E 120 34.42 -12.65 -34.15
N LEU E 121 35.55 -12.43 -33.46
CA LEU E 121 35.71 -13.06 -32.15
C LEU E 121 34.92 -12.33 -31.08
N PHE E 122 34.78 -11.01 -31.20
CA PHE E 122 33.99 -10.26 -30.23
C PHE E 122 32.49 -10.52 -30.39
N MET E 123 32.04 -10.77 -31.62
CA MET E 123 30.65 -11.13 -31.85
C MET E 123 30.32 -12.48 -31.23
N THR E 124 31.24 -13.43 -31.33
CA THR E 124 31.08 -14.73 -30.66
C THR E 124 31.39 -14.68 -29.18
N CYS E 125 32.04 -13.62 -28.70
CA CYS E 125 32.22 -13.44 -27.26
C CYS E 125 30.91 -13.11 -26.57
N LEU E 126 29.99 -12.44 -27.27
CA LEU E 126 28.69 -12.13 -26.68
C LEU E 126 27.74 -13.31 -26.74
N LEU E 127 28.03 -14.31 -27.57
CA LEU E 127 27.26 -15.55 -27.56
C LEU E 127 27.51 -16.39 -26.31
N LEU E 128 28.60 -16.12 -25.57
CA LEU E 128 28.95 -16.91 -24.39
C LEU E 128 28.80 -16.16 -23.08
N ILE E 129 28.73 -14.83 -23.09
CA ILE E 129 28.49 -14.08 -21.87
C ILE E 129 27.08 -14.33 -21.34
N PHE E 130 26.08 -14.24 -22.22
CA PHE E 130 24.69 -14.22 -21.79
C PHE E 130 24.01 -15.59 -21.83
N THR E 131 24.56 -16.56 -22.55
CA THR E 131 24.01 -17.91 -22.44
C THR E 131 24.50 -18.57 -21.17
N HIS E 132 25.77 -18.37 -20.81
CA HIS E 132 26.28 -18.85 -19.53
C HIS E 132 25.71 -18.08 -18.35
N ALA E 133 25.23 -16.86 -18.58
CA ALA E 133 24.53 -16.12 -17.52
C ALA E 133 23.18 -16.75 -17.22
N SER E 134 22.54 -17.36 -18.22
CA SER E 134 21.29 -18.09 -17.99
C SER E 134 21.54 -19.35 -17.18
N ILE E 135 22.66 -20.03 -17.43
CA ILE E 135 22.98 -21.26 -16.72
C ILE E 135 23.34 -20.97 -15.26
N MET E 136 24.12 -19.91 -15.03
CA MET E 136 24.50 -19.54 -13.67
C MET E 136 23.31 -19.01 -12.87
N SER E 137 22.31 -18.46 -13.56
CA SER E 137 21.09 -18.05 -12.87
C SER E 137 20.25 -19.25 -12.44
N LEU E 138 20.29 -20.34 -13.23
CA LEU E 138 19.61 -21.56 -12.83
C LEU E 138 20.25 -22.21 -11.61
N LEU E 139 21.57 -22.09 -11.48
CA LEU E 139 22.24 -22.60 -10.28
C LEU E 139 21.93 -21.74 -9.06
N ALA E 140 21.74 -20.43 -9.26
CA ALA E 140 21.43 -19.54 -8.15
C ALA E 140 20.03 -19.81 -7.57
N ILE E 141 19.07 -20.16 -8.43
CA ILE E 141 17.74 -20.53 -7.97
C ILE E 141 17.79 -21.86 -7.22
N ALA E 142 18.57 -22.81 -7.72
CA ALA E 142 18.66 -24.14 -7.10
C ALA E 142 19.33 -24.08 -5.72
N VAL E 143 20.27 -23.16 -5.52
CA VAL E 143 20.85 -22.99 -4.20
C VAL E 143 19.91 -22.16 -3.31
N ASP E 144 19.07 -21.32 -3.92
CA ASP E 144 18.06 -20.58 -3.16
C ASP E 144 16.99 -21.51 -2.61
N ARG E 145 16.56 -22.51 -3.40
CA ARG E 145 15.61 -23.49 -2.90
C ARG E 145 16.26 -24.45 -1.91
N TYR E 146 17.58 -24.63 -2.00
CA TYR E 146 18.28 -25.52 -1.08
C TYR E 146 18.42 -24.91 0.30
N LEU E 147 18.59 -23.59 0.38
CA LEU E 147 18.60 -22.90 1.67
C LEU E 147 17.25 -22.94 2.37
N ARG E 148 16.16 -23.17 1.64
CA ARG E 148 14.83 -23.15 2.25
C ARG E 148 14.57 -24.40 3.07
N VAL E 149 15.21 -25.52 2.73
CA VAL E 149 15.00 -26.79 3.42
C VAL E 149 16.15 -27.14 4.35
N LYS E 150 17.23 -26.36 4.36
CA LYS E 150 18.40 -26.64 5.19
C LYS E 150 18.58 -25.65 6.33
N LEU E 151 18.09 -24.43 6.18
CA LEU E 151 18.24 -23.39 7.19
C LEU E 151 17.03 -23.27 8.11
N THR E 152 15.83 -23.53 7.58
CA THR E 152 14.52 -23.48 8.28
C THR E 152 14.36 -22.04 8.76
N VAL E 153 13.97 -21.81 10.02
CA VAL E 153 13.64 -20.52 10.64
C VAL E 153 14.58 -19.36 10.26
N ARG E 154 15.88 -19.62 10.26
CA ARG E 154 16.92 -18.63 10.00
C ARG E 154 16.94 -18.08 8.57
N TYR E 155 16.22 -18.72 7.63
CA TYR E 155 16.24 -18.33 6.21
C TYR E 155 15.89 -16.85 6.01
N LYS E 156 14.86 -16.37 6.68
CA LYS E 156 14.47 -14.98 6.55
C LYS E 156 15.35 -14.03 7.38
N ARG E 157 16.23 -14.58 8.22
CA ARG E 157 17.11 -13.78 9.05
C ARG E 157 18.55 -13.77 8.52
N VAL E 158 19.08 -14.94 8.16
CA VAL E 158 20.44 -15.03 7.62
C VAL E 158 20.51 -14.37 6.25
N THR E 159 19.66 -14.80 5.32
CA THR E 159 19.65 -14.22 3.99
C THR E 159 19.03 -12.84 4.04
N THR E 160 19.80 -11.83 3.66
CA THR E 160 19.39 -10.43 3.64
C THR E 160 19.35 -9.93 2.20
N HIS E 161 18.40 -9.01 1.94
CA HIS E 161 18.26 -8.29 0.68
C HIS E 161 19.57 -7.77 0.10
N ARG E 162 20.45 -7.25 0.98
CA ARG E 162 21.78 -6.83 0.56
C ARG E 162 22.58 -8.02 0.00
N ARG E 163 22.46 -9.19 0.64
CA ARG E 163 23.27 -10.35 0.27
C ARG E 163 22.82 -10.95 -1.05
N ILE E 164 21.58 -10.68 -1.47
CA ILE E 164 21.04 -11.28 -2.69
C ILE E 164 21.63 -10.61 -3.92
N TRP E 165 21.78 -9.28 -3.87
CA TRP E 165 22.42 -8.55 -4.97
C TRP E 165 23.89 -8.92 -5.10
N LEU E 166 24.60 -9.03 -3.97
CA LEU E 166 26.01 -9.44 -3.96
C LEU E 166 26.20 -10.80 -4.65
N ALA E 167 25.30 -11.76 -4.39
CA ALA E 167 25.50 -13.09 -4.93
C ALA E 167 25.02 -13.19 -6.38
N LEU E 168 23.89 -12.54 -6.69
CA LEU E 168 23.42 -12.43 -8.06
C LEU E 168 24.46 -11.72 -8.94
N GLY E 169 24.98 -10.60 -8.45
CA GLY E 169 26.00 -9.86 -9.18
C GLY E 169 27.26 -10.67 -9.39
N LEU E 170 27.69 -11.41 -8.35
CA LEU E 170 28.85 -12.30 -8.42
C LEU E 170 28.71 -13.28 -9.58
N CYS E 171 27.54 -13.92 -9.69
CA CYS E 171 27.29 -14.88 -10.77
C CYS E 171 27.33 -14.22 -12.14
N TRP E 172 26.71 -13.04 -12.26
CA TRP E 172 26.72 -12.29 -13.50
C TRP E 172 28.14 -11.90 -13.91
N LEU E 173 28.95 -11.46 -12.93
CA LEU E 173 30.34 -11.06 -13.18
C LEU E 173 31.16 -12.22 -13.73
N VAL E 174 31.13 -13.38 -13.05
CA VAL E 174 31.75 -14.61 -13.52
C VAL E 174 31.34 -14.95 -14.95
N SER E 175 30.04 -14.80 -15.27
CA SER E 175 29.57 -15.14 -16.61
C SER E 175 30.18 -14.23 -17.68
N PHE E 176 30.24 -12.93 -17.42
CA PHE E 176 30.95 -11.98 -18.30
C PHE E 176 32.39 -12.37 -18.60
N LEU E 177 33.12 -12.93 -17.64
CA LEU E 177 34.53 -13.22 -17.90
C LEU E 177 34.69 -14.52 -18.68
N VAL E 178 33.84 -15.52 -18.43
CA VAL E 178 33.87 -16.78 -19.18
C VAL E 178 33.59 -16.53 -20.66
N GLY E 179 32.78 -15.52 -20.97
CA GLY E 179 32.56 -15.18 -22.36
C GLY E 179 33.62 -14.28 -22.98
N LEU E 180 34.57 -13.80 -22.19
CA LEU E 180 35.61 -12.89 -22.67
C LEU E 180 37.02 -13.47 -22.44
N THR E 181 37.13 -14.79 -22.47
CA THR E 181 38.41 -15.48 -22.35
C THR E 181 39.24 -15.59 -23.65
N PRO E 182 38.69 -15.90 -24.85
CA PRO E 182 39.57 -16.06 -26.03
C PRO E 182 40.27 -14.78 -26.47
N MET E 183 39.74 -13.61 -26.14
CA MET E 183 40.28 -12.34 -26.62
C MET E 183 41.53 -11.92 -25.85
N PHE E 184 41.77 -12.49 -24.67
CA PHE E 184 42.96 -12.15 -23.89
C PHE E 184 44.02 -13.24 -23.95
N GLY E 185 44.34 -13.70 -25.15
CA GLY E 185 45.41 -14.66 -25.35
C GLY E 185 45.03 -16.12 -25.51
N TRP E 186 43.73 -16.44 -25.60
CA TRP E 186 43.30 -17.81 -25.84
C TRP E 186 42.59 -17.93 -27.19
N ASN E 187 42.87 -17.01 -28.11
CA ASN E 187 42.35 -17.07 -29.46
C ASN E 187 42.98 -18.21 -30.27
N MET E 188 42.32 -18.55 -31.39
CA MET E 188 42.67 -19.68 -32.25
C MET E 188 44.09 -19.60 -32.81
N LYS E 189 44.67 -18.40 -32.90
CA LYS E 189 46.01 -18.17 -33.47
C LYS E 189 47.11 -18.95 -32.76
N LEU E 190 46.91 -19.38 -31.51
CA LEU E 190 47.90 -20.19 -30.80
C LEU E 190 48.12 -21.56 -31.43
N THR E 191 47.16 -22.08 -32.19
CA THR E 191 47.29 -23.44 -32.71
C THR E 191 48.19 -23.49 -33.94
N SER E 192 48.10 -22.49 -34.82
CA SER E 192 48.84 -22.50 -36.07
C SER E 192 49.42 -21.11 -36.33
N GLU E 193 50.58 -21.09 -36.98
CA GLU E 193 51.19 -19.83 -37.36
C GLU E 193 50.55 -19.21 -38.59
N TYR E 194 49.87 -20.02 -39.40
CA TYR E 194 49.20 -19.53 -40.61
C TYR E 194 48.07 -18.56 -40.27
N HIS E 195 47.35 -18.83 -39.19
CA HIS E 195 46.19 -18.02 -38.82
C HIS E 195 46.56 -16.62 -38.34
N ARG E 196 47.81 -16.39 -37.94
CA ARG E 196 48.23 -15.05 -37.52
C ARG E 196 48.39 -14.12 -38.72
N ASN E 197 48.84 -14.64 -39.86
CA ASN E 197 48.99 -13.83 -41.06
C ASN E 197 47.65 -13.52 -41.72
N VAL E 198 46.68 -14.42 -41.58
CA VAL E 198 45.36 -14.22 -42.18
C VAL E 198 44.60 -13.14 -41.41
N THR E 199 44.22 -12.08 -42.11
CA THR E 199 43.31 -11.07 -41.60
C THR E 199 42.21 -10.86 -42.64
N PHE E 200 41.04 -10.47 -42.14
CA PHE E 200 39.81 -10.26 -42.92
C PHE E 200 39.37 -11.58 -43.56
N LEU E 201 39.21 -12.57 -42.71
CA LEU E 201 38.77 -13.91 -43.03
C LEU E 201 37.24 -14.00 -42.97
N SER E 202 36.68 -15.20 -43.05
CA SER E 202 35.24 -15.40 -42.96
C SER E 202 34.85 -15.84 -41.56
N CYS E 203 33.71 -15.36 -41.08
CA CYS E 203 33.32 -15.59 -39.69
C CYS E 203 32.54 -16.89 -39.56
N GLN E 204 33.26 -17.95 -39.19
CA GLN E 204 32.69 -19.24 -38.83
C GLN E 204 33.06 -19.54 -37.39
N PHE E 205 32.08 -19.99 -36.61
CA PHE E 205 32.28 -20.25 -35.18
C PHE E 205 33.37 -21.30 -34.93
N VAL E 206 33.46 -22.32 -35.79
CA VAL E 206 34.48 -23.34 -35.59
C VAL E 206 35.86 -22.84 -36.01
N SER E 207 35.91 -21.81 -36.86
CA SER E 207 37.18 -21.29 -37.36
C SER E 207 37.81 -20.30 -36.38
N VAL E 208 37.01 -19.56 -35.63
CA VAL E 208 37.51 -18.58 -34.67
C VAL E 208 37.59 -19.16 -33.26
N MET E 209 36.59 -19.90 -32.79
CA MET E 209 36.58 -20.40 -31.42
C MET E 209 37.35 -21.71 -31.30
N ARG E 210 38.17 -21.79 -30.25
CA ARG E 210 39.00 -22.96 -30.00
C ARG E 210 38.16 -24.14 -29.57
N MET E 211 38.33 -25.28 -30.28
CA MET E 211 37.74 -26.55 -29.87
C MET E 211 38.14 -26.97 -28.45
N ASP E 212 39.30 -26.50 -27.96
CA ASP E 212 39.81 -26.91 -26.66
C ASP E 212 38.96 -26.31 -25.55
N TYR E 213 38.83 -24.98 -25.56
CA TYR E 213 38.04 -24.21 -24.59
C TYR E 213 36.60 -24.73 -24.42
N MET E 214 35.99 -25.20 -25.51
CA MET E 214 34.60 -25.67 -25.43
C MET E 214 34.46 -26.96 -24.63
N VAL E 215 35.46 -27.83 -24.66
CA VAL E 215 35.33 -29.13 -23.99
C VAL E 215 35.77 -29.08 -22.53
N TYR E 216 36.87 -28.39 -22.22
CA TYR E 216 37.39 -28.40 -20.85
C TYR E 216 36.98 -27.20 -20.00
N PHE E 217 36.87 -26.00 -20.55
CA PHE E 217 36.45 -24.89 -19.71
C PHE E 217 34.98 -24.51 -19.87
N SER E 218 34.40 -24.63 -21.06
CA SER E 218 32.96 -24.42 -21.19
C SER E 218 32.17 -25.58 -20.58
N PHE E 219 32.50 -26.80 -20.95
CA PHE E 219 31.68 -27.95 -20.59
C PHE E 219 31.99 -28.53 -19.21
N LEU E 220 33.27 -28.71 -18.88
CA LEU E 220 33.60 -29.42 -17.65
C LEU E 220 33.49 -28.53 -16.42
N THR E 221 33.75 -27.23 -16.54
CA THR E 221 33.64 -26.38 -15.36
C THR E 221 32.25 -25.76 -15.19
N TRP E 222 31.63 -25.28 -16.28
CA TRP E 222 30.36 -24.57 -16.17
C TRP E 222 29.14 -25.30 -16.72
N ILE E 223 29.30 -26.45 -17.37
CA ILE E 223 28.16 -27.29 -17.71
C ILE E 223 28.14 -28.60 -16.94
N PHE E 224 29.29 -29.19 -16.64
CA PHE E 224 29.31 -30.47 -15.96
C PHE E 224 29.22 -30.33 -14.43
N ILE E 225 30.03 -29.43 -13.86
CA ILE E 225 29.98 -29.19 -12.41
C ILE E 225 28.65 -28.61 -11.93
N PRO E 226 28.01 -27.63 -12.60
CA PRO E 226 26.64 -27.28 -12.19
C PRO E 226 25.61 -28.39 -12.35
N LEU E 227 25.77 -29.29 -13.33
CA LEU E 227 24.78 -30.34 -13.52
C LEU E 227 24.86 -31.39 -12.42
N VAL E 228 26.08 -31.73 -11.99
CA VAL E 228 26.25 -32.70 -10.91
C VAL E 228 25.81 -32.11 -9.57
N VAL E 229 26.01 -30.79 -9.39
CA VAL E 229 25.52 -30.12 -8.19
C VAL E 229 24.00 -30.07 -8.18
N MET E 230 23.39 -29.68 -9.31
CA MET E 230 21.94 -29.57 -9.41
C MET E 230 21.25 -30.91 -9.22
N CYS E 231 21.87 -31.99 -9.70
CA CYS E 231 21.38 -33.33 -9.39
C CYS E 231 21.47 -33.62 -7.90
N ALA E 232 22.54 -33.16 -7.24
CA ALA E 232 22.71 -33.42 -5.81
C ALA E 232 21.77 -32.57 -4.96
N ILE E 233 21.44 -31.36 -5.40
CA ILE E 233 20.49 -30.53 -4.65
C ILE E 233 19.09 -31.11 -4.72
N TYR E 234 18.62 -31.44 -5.93
CA TYR E 234 17.26 -31.97 -6.11
C TYR E 234 17.07 -33.32 -5.44
N LEU E 235 18.11 -34.16 -5.44
CA LEU E 235 18.03 -35.44 -4.74
C LEU E 235 17.95 -35.24 -3.23
N ASP E 236 18.65 -34.22 -2.71
CA ASP E 236 18.66 -33.99 -1.26
C ASP E 236 17.35 -33.35 -0.81
N ILE E 237 16.70 -32.57 -1.68
CA ILE E 237 15.38 -32.04 -1.36
C ILE E 237 14.34 -33.14 -1.30
N PHE E 238 14.49 -34.16 -2.16
CA PHE E 238 13.55 -35.28 -2.20
C PHE E 238 13.61 -36.11 -0.92
N TYR E 239 14.78 -36.25 -0.32
CA TYR E 239 14.92 -37.01 0.91
C TYR E 239 14.41 -36.24 2.13
N ILE E 240 14.44 -34.91 2.09
CA ILE E 240 13.96 -34.11 3.21
C ILE E 240 12.47 -33.74 3.10
N ILE E 241 11.86 -33.87 1.92
CA ILE E 241 10.43 -33.64 1.83
C ILE E 241 9.63 -34.88 2.25
N ARG E 242 10.25 -36.06 2.23
CA ARG E 242 9.58 -37.27 2.71
C ARG E 242 9.71 -37.48 4.22
N ASN E 243 10.73 -36.92 4.85
CA ASN E 243 10.83 -37.03 6.31
C ASN E 243 10.38 -35.76 7.04
N PHE E 263 3.68 -38.64 -5.97
CA PHE E 263 4.27 -38.54 -7.30
C PHE E 263 4.07 -37.14 -7.87
N LYS E 264 3.24 -36.34 -7.21
CA LYS E 264 2.98 -34.98 -7.68
C LYS E 264 4.18 -34.07 -7.42
N THR E 265 4.84 -34.23 -6.27
CA THR E 265 6.00 -33.42 -5.95
C THR E 265 7.30 -33.97 -6.54
N ALA E 266 7.33 -35.26 -6.87
CA ALA E 266 8.53 -35.84 -7.48
C ALA E 266 8.69 -35.40 -8.93
N LYS E 267 7.58 -35.17 -9.64
CA LYS E 267 7.63 -34.73 -11.02
C LYS E 267 7.97 -33.25 -11.13
N SER E 268 7.74 -32.48 -10.07
CA SER E 268 8.11 -31.06 -10.06
C SER E 268 9.62 -30.87 -10.08
N LEU E 269 10.35 -31.69 -9.32
CA LEU E 269 11.81 -31.60 -9.32
C LEU E 269 12.43 -32.22 -10.57
N PHE E 270 11.85 -33.31 -11.08
CA PHE E 270 12.46 -34.02 -12.20
C PHE E 270 12.31 -33.26 -13.52
N LEU E 271 11.21 -32.52 -13.70
CA LEU E 271 10.98 -31.80 -14.95
C LEU E 271 11.95 -30.64 -15.11
N VAL E 272 12.19 -29.88 -14.04
CA VAL E 272 13.15 -28.79 -14.02
C VAL E 272 14.54 -29.26 -14.44
N LEU E 273 14.98 -30.38 -13.88
CA LEU E 273 16.28 -30.94 -14.25
C LEU E 273 16.27 -31.58 -15.65
N PHE E 274 15.12 -32.01 -16.13
CA PHE E 274 15.07 -32.65 -17.45
C PHE E 274 15.26 -31.63 -18.58
N LEU E 275 14.76 -30.39 -18.40
CA LEU E 275 14.86 -29.41 -19.47
C LEU E 275 16.25 -28.80 -19.56
N PHE E 276 16.91 -28.62 -18.42
CA PHE E 276 18.32 -28.22 -18.39
C PHE E 276 19.18 -29.22 -19.16
N ALA E 277 19.00 -30.51 -18.88
CA ALA E 277 19.80 -31.55 -19.53
C ALA E 277 19.51 -31.63 -21.03
N LEU E 278 18.25 -31.46 -21.41
CA LEU E 278 17.88 -31.56 -22.82
C LEU E 278 18.39 -30.37 -23.64
N SER E 279 18.61 -29.22 -23.01
CA SER E 279 19.00 -28.02 -23.73
C SER E 279 20.49 -27.89 -23.97
N TRP E 280 21.34 -28.49 -23.14
CA TRP E 280 22.77 -28.23 -23.22
C TRP E 280 23.65 -29.46 -23.44
N LEU E 281 23.15 -30.67 -23.15
CA LEU E 281 23.93 -31.89 -23.30
C LEU E 281 24.07 -32.39 -24.76
N PRO E 282 23.02 -32.42 -25.60
CA PRO E 282 23.26 -32.74 -27.03
C PRO E 282 24.28 -31.84 -27.75
N LEU E 283 24.38 -30.56 -27.39
CA LEU E 283 25.38 -29.72 -28.04
C LEU E 283 26.77 -30.00 -27.47
N SER E 284 26.85 -30.32 -26.18
CA SER E 284 28.13 -30.51 -25.50
C SER E 284 28.87 -31.74 -26.02
N ILE E 285 28.14 -32.80 -26.37
CA ILE E 285 28.76 -33.97 -26.99
C ILE E 285 29.08 -33.79 -28.47
N ILE E 286 28.53 -32.76 -29.12
CA ILE E 286 28.96 -32.44 -30.48
C ILE E 286 30.38 -31.86 -30.46
N ASN E 287 30.67 -31.02 -29.46
CA ASN E 287 32.03 -30.50 -29.28
C ASN E 287 33.02 -31.59 -28.90
N CYS E 288 32.55 -32.67 -28.26
CA CYS E 288 33.46 -33.77 -27.95
C CYS E 288 33.79 -34.60 -29.19
N ILE E 289 32.86 -34.72 -30.14
CA ILE E 289 33.12 -35.51 -31.34
C ILE E 289 34.12 -34.80 -32.25
N ILE E 290 33.95 -33.48 -32.42
CA ILE E 290 34.84 -32.69 -33.28
C ILE E 290 36.24 -32.64 -32.70
N TYR E 291 36.35 -32.61 -31.37
CA TYR E 291 37.66 -32.58 -30.71
C TYR E 291 38.35 -33.95 -30.77
N PHE E 292 37.58 -35.02 -30.91
CA PHE E 292 38.13 -36.36 -30.99
C PHE E 292 38.32 -36.83 -32.43
N ASN E 293 38.39 -35.87 -33.37
CA ASN E 293 38.69 -36.00 -34.81
C ASN E 293 37.52 -36.60 -35.58
N GLY E 294 36.33 -36.66 -34.99
CA GLY E 294 35.15 -37.11 -35.68
C GLY E 294 34.59 -36.06 -36.63
N GLU E 295 33.51 -36.45 -37.30
CA GLU E 295 32.76 -35.55 -38.16
C GLU E 295 31.29 -35.62 -37.78
N VAL E 296 30.63 -34.47 -37.74
CA VAL E 296 29.21 -34.41 -37.42
C VAL E 296 28.52 -33.84 -38.67
N PRO E 297 27.27 -34.21 -38.95
CA PRO E 297 26.49 -33.47 -39.96
C PRO E 297 25.98 -32.15 -39.41
N GLN E 298 25.58 -31.29 -40.33
CA GLN E 298 25.05 -29.98 -39.94
C GLN E 298 23.54 -29.97 -39.79
N LEU E 299 22.86 -31.06 -40.14
CA LEU E 299 21.45 -31.21 -39.84
C LEU E 299 21.20 -31.27 -38.33
N VAL E 300 22.04 -32.01 -37.60
CA VAL E 300 21.96 -32.03 -36.14
C VAL E 300 22.84 -30.96 -35.46
N LEU E 301 23.78 -30.36 -36.18
CA LEU E 301 24.54 -29.26 -35.58
C LEU E 301 23.70 -28.00 -35.46
N TYR E 302 22.76 -27.79 -36.39
CA TYR E 302 21.85 -26.67 -36.28
C TYR E 302 20.81 -26.90 -35.20
N MET E 303 20.37 -28.16 -35.04
CA MET E 303 19.37 -28.48 -34.02
C MET E 303 19.93 -28.36 -32.61
N GLY E 304 21.24 -28.58 -32.45
CA GLY E 304 21.87 -28.36 -31.15
C GLY E 304 21.87 -26.91 -30.73
N ILE E 305 22.09 -26.00 -31.69
CA ILE E 305 22.13 -24.57 -31.40
C ILE E 305 20.75 -24.06 -31.01
N LEU E 306 19.71 -24.51 -31.73
CA LEU E 306 18.32 -24.23 -31.39
C LEU E 306 17.98 -24.64 -29.96
N LEU E 307 18.20 -25.91 -29.63
CA LEU E 307 18.00 -26.42 -28.27
C LEU E 307 18.80 -25.65 -27.21
N SER E 308 19.98 -25.14 -27.58
CA SER E 308 20.79 -24.37 -26.65
C SER E 308 20.17 -23.01 -26.33
N HIS E 309 19.34 -22.47 -27.24
CA HIS E 309 18.61 -21.24 -26.99
C HIS E 309 17.19 -21.48 -26.50
N ALA E 310 16.68 -22.71 -26.61
CA ALA E 310 15.34 -23.03 -26.15
C ALA E 310 15.20 -22.98 -24.63
N ASN E 311 16.31 -22.99 -23.90
CA ASN E 311 16.29 -22.86 -22.45
C ASN E 311 15.74 -21.50 -22.00
N SER E 312 15.95 -20.46 -22.80
CA SER E 312 15.43 -19.14 -22.47
C SER E 312 13.92 -19.03 -22.64
N MET E 313 13.31 -19.74 -23.59
CA MET E 313 11.87 -19.60 -23.76
C MET E 313 11.07 -20.41 -22.75
N MET E 314 11.69 -21.40 -22.11
CA MET E 314 11.00 -22.25 -21.16
C MET E 314 11.25 -21.84 -19.71
N ASN E 315 12.09 -20.84 -19.48
CA ASN E 315 12.35 -20.38 -18.11
C ASN E 315 11.13 -19.75 -17.43
N PRO E 316 10.32 -18.85 -18.04
CA PRO E 316 9.12 -18.40 -17.34
C PRO E 316 8.03 -19.46 -17.24
N ILE E 317 8.05 -20.48 -18.10
CA ILE E 317 7.04 -21.53 -18.04
C ILE E 317 7.26 -22.43 -16.84
N VAL E 318 8.51 -22.82 -16.59
CA VAL E 318 8.82 -23.81 -15.56
C VAL E 318 9.15 -23.19 -14.20
N TYR E 319 9.51 -21.91 -14.16
CA TYR E 319 9.86 -21.27 -12.90
C TYR E 319 8.85 -20.23 -12.42
N ALA E 320 8.36 -19.36 -13.30
CA ALA E 320 7.45 -18.32 -12.85
C ALA E 320 6.02 -18.83 -12.77
N TYR E 321 5.59 -19.64 -13.75
CA TYR E 321 4.20 -20.06 -13.84
C TYR E 321 3.82 -21.02 -12.72
N LYS E 322 4.76 -21.84 -12.25
CA LYS E 322 4.48 -22.76 -11.16
C LYS E 322 4.33 -22.07 -9.81
N ILE E 323 4.78 -20.81 -9.68
CA ILE E 323 4.54 -20.05 -8.47
C ILE E 323 3.08 -19.65 -8.39
N LYS E 324 2.42 -19.99 -7.29
CA LYS E 324 0.99 -19.73 -7.13
C LYS E 324 0.69 -18.25 -6.97
N LYS E 325 1.65 -17.48 -6.42
CA LYS E 325 1.49 -16.03 -6.34
C LYS E 325 1.44 -15.41 -7.72
N PHE E 326 2.36 -15.80 -8.60
CA PHE E 326 2.36 -15.31 -9.97
C PHE E 326 1.13 -15.82 -10.73
N LYS E 327 0.74 -17.07 -10.47
CA LYS E 327 -0.38 -17.74 -11.16
C LYS E 327 -1.69 -16.97 -11.06
N GLU E 328 -1.88 -16.18 -10.00
CA GLU E 328 -3.07 -15.36 -9.88
C GLU E 328 -2.96 -14.08 -10.71
N THR E 329 -1.80 -13.42 -10.65
CA THR E 329 -1.61 -12.13 -11.32
C THR E 329 -1.73 -12.28 -12.84
N TYR E 330 -0.98 -13.21 -13.43
CA TYR E 330 -0.98 -13.44 -14.86
C TYR E 330 -2.31 -14.01 -15.34
#